data_1W2R
# 
_entry.id   1W2R 
# 
_audit_conform.dict_name       mmcif_pdbx.dic 
_audit_conform.dict_version    5.391 
_audit_conform.dict_location   http://mmcif.pdb.org/dictionaries/ascii/mmcif_pdbx.dic 
# 
loop_
_database_2.database_id 
_database_2.database_code 
_database_2.pdbx_database_accession 
_database_2.pdbx_DOI 
PDB   1W2R         pdb_00001w2r 10.2210/pdb1w2r/pdb 
PDBE  EBI-20083    ?            ?                   
WWPDB D_1290020083 ?            ?                   
# 
loop_
_pdbx_audit_revision_history.ordinal 
_pdbx_audit_revision_history.data_content_type 
_pdbx_audit_revision_history.major_revision 
_pdbx_audit_revision_history.minor_revision 
_pdbx_audit_revision_history.revision_date 
1 'Structure model' 1 0 2005-09-29 
2 'Structure model' 1 1 2024-05-08 
# 
_pdbx_audit_revision_details.ordinal             1 
_pdbx_audit_revision_details.revision_ordinal    1 
_pdbx_audit_revision_details.data_content_type   'Structure model' 
_pdbx_audit_revision_details.provider            repository 
_pdbx_audit_revision_details.type                'Initial release' 
_pdbx_audit_revision_details.description         ? 
_pdbx_audit_revision_details.details             ? 
# 
loop_
_pdbx_audit_revision_group.ordinal 
_pdbx_audit_revision_group.revision_ordinal 
_pdbx_audit_revision_group.data_content_type 
_pdbx_audit_revision_group.group 
1 2 'Structure model' 'Data collection'     
2 2 'Structure model' 'Database references' 
# 
loop_
_pdbx_audit_revision_category.ordinal 
_pdbx_audit_revision_category.revision_ordinal 
_pdbx_audit_revision_category.data_content_type 
_pdbx_audit_revision_category.category 
1 2 'Structure model' chem_comp_atom 
2 2 'Structure model' chem_comp_bond 
3 2 'Structure model' database_2     
# 
loop_
_pdbx_audit_revision_item.ordinal 
_pdbx_audit_revision_item.revision_ordinal 
_pdbx_audit_revision_item.data_content_type 
_pdbx_audit_revision_item.item 
1 2 'Structure model' '_database_2.pdbx_DOI'                
2 2 'Structure model' '_database_2.pdbx_database_accession' 
# 
_pdbx_database_status.status_code                     REL 
_pdbx_database_status.entry_id                        1W2R 
_pdbx_database_status.deposit_site                    PDBE 
_pdbx_database_status.process_site                    PDBE 
_pdbx_database_status.SG_entry                        . 
_pdbx_database_status.recvd_initial_deposition_date   2004-07-08 
_pdbx_database_status.pdb_format_compatible           Y 
_pdbx_database_status.status_code_sf                  ? 
_pdbx_database_status.status_code_mr                  ? 
_pdbx_database_status.status_code_cs                  ? 
_pdbx_database_status.methods_development_category    ? 
_pdbx_database_status.status_code_nmr_data            ? 
# 
loop_
_pdbx_database_related.db_name 
_pdbx_database_related.db_id 
_pdbx_database_related.content_type 
_pdbx_database_related.details 
PDB 1GHQ unspecified 'CR2-C3D COMPLEX STRUCTURE'                                                        
PDB 1LY2 unspecified 'CRYSTAL STRUCTURE OF UNLIGANDED HUMAN CD21 SCR1-SCR2(COMPLEMENT RECEPTOR TYPE 2)' 
PDB 1W2S unspecified 'SOLUTION STRUCTURE OF CR2 SCR 1-2 IN ITS COMPLEX WITH C3D BY X-RAY SCATTERING'    
# 
loop_
_audit_author.name 
_audit_author.pdbx_ordinal 
'Gilbert, H.E.' 1 
'Hannan, J.P.'  2 
'Holers, V.M.'  3 
'Perkins, S.J.' 4 
# 
_citation.id                        primary 
_citation.title                     
;Solution Structure of the Complex between Cr2 Scr 1-2 and C3D of Human Complement: An X-Ray Scattering and Sedimentation Modelling Study.
;
_citation.journal_abbrev            J.Mol.Biol. 
_citation.journal_volume            346 
_citation.page_first                859 
_citation.page_last                 ? 
_citation.year                      2005 
_citation.journal_id_ASTM           JMOBAK 
_citation.country                   UK 
_citation.journal_id_ISSN           0022-2836 
_citation.journal_id_CSD            0070 
_citation.book_publisher            ? 
_citation.pdbx_database_id_PubMed   15713468 
_citation.pdbx_database_id_DOI      10.1016/J.JMB.2004.12.006 
# 
loop_
_citation_author.citation_id 
_citation_author.name 
_citation_author.ordinal 
_citation_author.identifier_ORCID 
primary 'Gilbert, H.E.' 1 ? 
primary 'Eaton, J.T.'   2 ? 
primary 'Hannan, J.P.'  3 ? 
primary 'Holers, V.M.'  4 ? 
primary 'Perkins, S.J.' 5 ? 
# 
_entity.id                         1 
_entity.type                       polymer 
_entity.src_method                 man 
_entity.pdbx_description           'COMPLEMENT RECEPTOR TYPE 2 PRECURSOR,' 
_entity.formula_weight             15611.923 
_entity.pdbx_number_of_molecules   1 
_entity.pdbx_ec                    ? 
_entity.pdbx_mutation              ? 
_entity.pdbx_fragment              ? 
_entity.details                    ? 
# 
_entity_name_com.entity_id   1 
_entity_name_com.name        'CR2 SCR 1-2, COMPLEMENT C3D RECEPTOR, EPSTEIN-BARR VIRUS RECEPTOR, EBV RECEPTOR, CD21 ANTIGEN' 
# 
_entity_poly.entity_id                      1 
_entity_poly.type                           'polypeptide(L)' 
_entity_poly.nstd_linkage                   no 
_entity_poly.nstd_monomer                   no 
_entity_poly.pdbx_seq_one_letter_code       
;EAEAISCGSPPPILNGRISYYSTPIAVGTVIRYSCSGTFRLIGEKSLLCITKDKVDGTWDKPAPKCQYFNKYSSCPEPIV
PGGYKIRGSTPYRHGDSVTFACKTNFSMNGNKSVWCQANNMWGPTRLPTCVSVFPLEQKLIS
;
_entity_poly.pdbx_seq_one_letter_code_can   
;EAEAISCGSPPPILNGRISYYSTPIAVGTVIRYSCSGTFRLIGEKSLLCITKDKVDGTWDKPAPKCQYFNKYSSCPEPIV
PGGYKIRGSTPYRHGDSVTFACKTNFSMNGNKSVWCQANNMWGPTRLPTCVSVFPLEQKLIS
;
_entity_poly.pdbx_strand_id                 A 
_entity_poly.pdbx_target_identifier         ? 
# 
loop_
_entity_poly_seq.entity_id 
_entity_poly_seq.num 
_entity_poly_seq.mon_id 
_entity_poly_seq.hetero 
1 1   GLU n 
1 2   ALA n 
1 3   GLU n 
1 4   ALA n 
1 5   ILE n 
1 6   SER n 
1 7   CYS n 
1 8   GLY n 
1 9   SER n 
1 10  PRO n 
1 11  PRO n 
1 12  PRO n 
1 13  ILE n 
1 14  LEU n 
1 15  ASN n 
1 16  GLY n 
1 17  ARG n 
1 18  ILE n 
1 19  SER n 
1 20  TYR n 
1 21  TYR n 
1 22  SER n 
1 23  THR n 
1 24  PRO n 
1 25  ILE n 
1 26  ALA n 
1 27  VAL n 
1 28  GLY n 
1 29  THR n 
1 30  VAL n 
1 31  ILE n 
1 32  ARG n 
1 33  TYR n 
1 34  SER n 
1 35  CYS n 
1 36  SER n 
1 37  GLY n 
1 38  THR n 
1 39  PHE n 
1 40  ARG n 
1 41  LEU n 
1 42  ILE n 
1 43  GLY n 
1 44  GLU n 
1 45  LYS n 
1 46  SER n 
1 47  LEU n 
1 48  LEU n 
1 49  CYS n 
1 50  ILE n 
1 51  THR n 
1 52  LYS n 
1 53  ASP n 
1 54  LYS n 
1 55  VAL n 
1 56  ASP n 
1 57  GLY n 
1 58  THR n 
1 59  TRP n 
1 60  ASP n 
1 61  LYS n 
1 62  PRO n 
1 63  ALA n 
1 64  PRO n 
1 65  LYS n 
1 66  CYS n 
1 67  GLN n 
1 68  TYR n 
1 69  PHE n 
1 70  ASN n 
1 71  LYS n 
1 72  TYR n 
1 73  SER n 
1 74  SER n 
1 75  CYS n 
1 76  PRO n 
1 77  GLU n 
1 78  PRO n 
1 79  ILE n 
1 80  VAL n 
1 81  PRO n 
1 82  GLY n 
1 83  GLY n 
1 84  TYR n 
1 85  LYS n 
1 86  ILE n 
1 87  ARG n 
1 88  GLY n 
1 89  SER n 
1 90  THR n 
1 91  PRO n 
1 92  TYR n 
1 93  ARG n 
1 94  HIS n 
1 95  GLY n 
1 96  ASP n 
1 97  SER n 
1 98  VAL n 
1 99  THR n 
1 100 PHE n 
1 101 ALA n 
1 102 CYS n 
1 103 LYS n 
1 104 THR n 
1 105 ASN n 
1 106 PHE n 
1 107 SER n 
1 108 MET n 
1 109 ASN n 
1 110 GLY n 
1 111 ASN n 
1 112 LYS n 
1 113 SER n 
1 114 VAL n 
1 115 TRP n 
1 116 CYS n 
1 117 GLN n 
1 118 ALA n 
1 119 ASN n 
1 120 ASN n 
1 121 MET n 
1 122 TRP n 
1 123 GLY n 
1 124 PRO n 
1 125 THR n 
1 126 ARG n 
1 127 LEU n 
1 128 PRO n 
1 129 THR n 
1 130 CYS n 
1 131 VAL n 
1 132 SER n 
1 133 VAL n 
1 134 PHE n 
1 135 PRO n 
1 136 LEU n 
1 137 GLU n 
1 138 GLN n 
1 139 LYS n 
1 140 LEU n 
1 141 ILE n 
1 142 SER n 
# 
_entity_src_gen.entity_id                          1 
_entity_src_gen.pdbx_src_id                        1 
_entity_src_gen.pdbx_alt_source_flag               sample 
_entity_src_gen.pdbx_seq_type                      ? 
_entity_src_gen.pdbx_beg_seq_num                   ? 
_entity_src_gen.pdbx_end_seq_num                   ? 
_entity_src_gen.gene_src_common_name               HUMAN 
_entity_src_gen.gene_src_genus                     ? 
_entity_src_gen.pdbx_gene_src_gene                 ? 
_entity_src_gen.gene_src_species                   ? 
_entity_src_gen.gene_src_strain                    ? 
_entity_src_gen.gene_src_tissue                    ? 
_entity_src_gen.gene_src_tissue_fraction           ? 
_entity_src_gen.gene_src_details                   ? 
_entity_src_gen.pdbx_gene_src_fragment             ? 
_entity_src_gen.pdbx_gene_src_scientific_name      'HOMO SAPIENS' 
_entity_src_gen.pdbx_gene_src_ncbi_taxonomy_id     9606 
_entity_src_gen.pdbx_gene_src_variant              ? 
_entity_src_gen.pdbx_gene_src_cell_line            ? 
_entity_src_gen.pdbx_gene_src_atcc                 ? 
_entity_src_gen.pdbx_gene_src_organ                ? 
_entity_src_gen.pdbx_gene_src_organelle            ? 
_entity_src_gen.pdbx_gene_src_cell                 ? 
_entity_src_gen.pdbx_gene_src_cellular_location    ? 
_entity_src_gen.host_org_common_name               ? 
_entity_src_gen.pdbx_host_org_scientific_name      'PICHIA PASTORIS' 
_entity_src_gen.pdbx_host_org_ncbi_taxonomy_id     4922 
_entity_src_gen.host_org_genus                     ? 
_entity_src_gen.pdbx_host_org_gene                 ? 
_entity_src_gen.pdbx_host_org_organ                ? 
_entity_src_gen.host_org_species                   ? 
_entity_src_gen.pdbx_host_org_tissue               ? 
_entity_src_gen.pdbx_host_org_tissue_fraction      ? 
_entity_src_gen.pdbx_host_org_strain               ? 
_entity_src_gen.pdbx_host_org_variant              ? 
_entity_src_gen.pdbx_host_org_cell_line            ? 
_entity_src_gen.pdbx_host_org_atcc                 ? 
_entity_src_gen.pdbx_host_org_culture_collection   ? 
_entity_src_gen.pdbx_host_org_cell                 ? 
_entity_src_gen.pdbx_host_org_organelle            ? 
_entity_src_gen.pdbx_host_org_cellular_location    ? 
_entity_src_gen.pdbx_host_org_vector_type          ? 
_entity_src_gen.pdbx_host_org_vector               ? 
_entity_src_gen.host_org_details                   ? 
_entity_src_gen.expression_system_id               ? 
_entity_src_gen.plasmid_name                       ? 
_entity_src_gen.plasmid_details                    ? 
_entity_src_gen.pdbx_description                   ? 
# 
loop_
_chem_comp.id 
_chem_comp.type 
_chem_comp.mon_nstd_flag 
_chem_comp.name 
_chem_comp.pdbx_synonyms 
_chem_comp.formula 
_chem_comp.formula_weight 
ALA 'L-peptide linking' y ALANINE         ? 'C3 H7 N O2'     89.093  
ARG 'L-peptide linking' y ARGININE        ? 'C6 H15 N4 O2 1' 175.209 
ASN 'L-peptide linking' y ASPARAGINE      ? 'C4 H8 N2 O3'    132.118 
ASP 'L-peptide linking' y 'ASPARTIC ACID' ? 'C4 H7 N O4'     133.103 
CYS 'L-peptide linking' y CYSTEINE        ? 'C3 H7 N O2 S'   121.158 
GLN 'L-peptide linking' y GLUTAMINE       ? 'C5 H10 N2 O3'   146.144 
GLU 'L-peptide linking' y 'GLUTAMIC ACID' ? 'C5 H9 N O4'     147.129 
GLY 'peptide linking'   y GLYCINE         ? 'C2 H5 N O2'     75.067  
HIS 'L-peptide linking' y HISTIDINE       ? 'C6 H10 N3 O2 1' 156.162 
ILE 'L-peptide linking' y ISOLEUCINE      ? 'C6 H13 N O2'    131.173 
LEU 'L-peptide linking' y LEUCINE         ? 'C6 H13 N O2'    131.173 
LYS 'L-peptide linking' y LYSINE          ? 'C6 H15 N2 O2 1' 147.195 
MET 'L-peptide linking' y METHIONINE      ? 'C5 H11 N O2 S'  149.211 
PHE 'L-peptide linking' y PHENYLALANINE   ? 'C9 H11 N O2'    165.189 
PRO 'L-peptide linking' y PROLINE         ? 'C5 H9 N O2'     115.130 
SER 'L-peptide linking' y SERINE          ? 'C3 H7 N O3'     105.093 
THR 'L-peptide linking' y THREONINE       ? 'C4 H9 N O3'     119.119 
TRP 'L-peptide linking' y TRYPTOPHAN      ? 'C11 H12 N2 O2'  204.225 
TYR 'L-peptide linking' y TYROSINE        ? 'C9 H11 N O3'    181.189 
VAL 'L-peptide linking' y VALINE          ? 'C5 H11 N O2'    117.146 
# 
loop_
_pdbx_poly_seq_scheme.asym_id 
_pdbx_poly_seq_scheme.entity_id 
_pdbx_poly_seq_scheme.seq_id 
_pdbx_poly_seq_scheme.mon_id 
_pdbx_poly_seq_scheme.ndb_seq_num 
_pdbx_poly_seq_scheme.pdb_seq_num 
_pdbx_poly_seq_scheme.auth_seq_num 
_pdbx_poly_seq_scheme.pdb_mon_id 
_pdbx_poly_seq_scheme.auth_mon_id 
_pdbx_poly_seq_scheme.pdb_strand_id 
_pdbx_poly_seq_scheme.pdb_ins_code 
_pdbx_poly_seq_scheme.hetero 
A 1 1   GLU 1   1   1   GLU GLU A . n 
A 1 2   ALA 2   2   2   ALA ALA A . n 
A 1 3   GLU 3   3   3   GLU GLU A . n 
A 1 4   ALA 4   4   4   ALA ALA A . n 
A 1 5   ILE 5   5   5   ILE ILE A . n 
A 1 6   SER 6   6   6   SER SER A . n 
A 1 7   CYS 7   7   7   CYS CYS A . n 
A 1 8   GLY 8   8   8   GLY GLY A . n 
A 1 9   SER 9   9   9   SER SER A . n 
A 1 10  PRO 10  10  10  PRO PRO A . n 
A 1 11  PRO 11  11  11  PRO PRO A . n 
A 1 12  PRO 12  12  12  PRO PRO A . n 
A 1 13  ILE 13  13  13  ILE ILE A . n 
A 1 14  LEU 14  14  14  LEU LEU A . n 
A 1 15  ASN 15  15  15  ASN ASN A . n 
A 1 16  GLY 16  16  16  GLY GLY A . n 
A 1 17  ARG 17  17  17  ARG ARG A . n 
A 1 18  ILE 18  18  18  ILE ILE A . n 
A 1 19  SER 19  19  19  SER SER A . n 
A 1 20  TYR 20  20  20  TYR TYR A . n 
A 1 21  TYR 21  21  21  TYR TYR A . n 
A 1 22  SER 22  22  22  SER SER A . n 
A 1 23  THR 23  23  23  THR THR A . n 
A 1 24  PRO 24  24  24  PRO PRO A . n 
A 1 25  ILE 25  25  25  ILE ILE A . n 
A 1 26  ALA 26  26  26  ALA ALA A . n 
A 1 27  VAL 27  27  27  VAL VAL A . n 
A 1 28  GLY 28  28  28  GLY GLY A . n 
A 1 29  THR 29  29  29  THR THR A . n 
A 1 30  VAL 30  30  30  VAL VAL A . n 
A 1 31  ILE 31  31  31  ILE ILE A . n 
A 1 32  ARG 32  32  32  ARG ARG A . n 
A 1 33  TYR 33  33  33  TYR TYR A . n 
A 1 34  SER 34  34  34  SER SER A . n 
A 1 35  CYS 35  35  35  CYS CYS A . n 
A 1 36  SER 36  36  36  SER SER A . n 
A 1 37  GLY 37  37  37  GLY GLY A . n 
A 1 38  THR 38  38  38  THR THR A . n 
A 1 39  PHE 39  39  39  PHE PHE A . n 
A 1 40  ARG 40  40  40  ARG ARG A . n 
A 1 41  LEU 41  41  41  LEU LEU A . n 
A 1 42  ILE 42  42  42  ILE ILE A . n 
A 1 43  GLY 43  43  43  GLY GLY A . n 
A 1 44  GLU 44  44  44  GLU GLU A . n 
A 1 45  LYS 45  45  45  LYS LYS A . n 
A 1 46  SER 46  46  46  SER SER A . n 
A 1 47  LEU 47  47  47  LEU LEU A . n 
A 1 48  LEU 48  48  48  LEU LEU A . n 
A 1 49  CYS 49  49  49  CYS CYS A . n 
A 1 50  ILE 50  50  50  ILE ILE A . n 
A 1 51  THR 51  51  51  THR THR A . n 
A 1 52  LYS 52  52  52  LYS LYS A . n 
A 1 53  ASP 53  53  53  ASP ASP A . n 
A 1 54  LYS 54  54  54  LYS LYS A . n 
A 1 55  VAL 55  55  55  VAL VAL A . n 
A 1 56  ASP 56  56  56  ASP ASP A . n 
A 1 57  GLY 57  57  57  GLY GLY A . n 
A 1 58  THR 58  58  58  THR THR A . n 
A 1 59  TRP 59  59  59  TRP TRP A . n 
A 1 60  ASP 60  60  60  ASP ASP A . n 
A 1 61  LYS 61  61  61  LYS LYS A . n 
A 1 62  PRO 62  62  62  PRO PRO A . n 
A 1 63  ALA 63  63  63  ALA ALA A . n 
A 1 64  PRO 64  64  64  PRO PRO A . n 
A 1 65  LYS 65  65  65  LYS LYS A . n 
A 1 66  CYS 66  66  66  CYS CYS A . n 
A 1 67  GLN 67  67  67  GLN GLN A . n 
A 1 68  TYR 68  68  68  TYR TYR A . n 
A 1 69  PHE 69  69  69  PHE PHE A . n 
A 1 70  ASN 70  70  70  ASN ASN A . n 
A 1 71  LYS 71  71  71  LYS LYS A . n 
A 1 72  TYR 72  72  72  TYR TYR A . n 
A 1 73  SER 73  73  73  SER SER A . n 
A 1 74  SER 74  74  74  SER SER A . n 
A 1 75  CYS 75  75  75  CYS CYS A . n 
A 1 76  PRO 76  76  76  PRO PRO A . n 
A 1 77  GLU 77  77  77  GLU GLU A . n 
A 1 78  PRO 78  78  78  PRO PRO A . n 
A 1 79  ILE 79  79  79  ILE ILE A . n 
A 1 80  VAL 80  80  80  VAL VAL A . n 
A 1 81  PRO 81  81  81  PRO PRO A . n 
A 1 82  GLY 82  82  82  GLY GLY A . n 
A 1 83  GLY 83  83  83  GLY GLY A . n 
A 1 84  TYR 84  84  84  TYR TYR A . n 
A 1 85  LYS 85  85  85  LYS LYS A . n 
A 1 86  ILE 86  86  86  ILE ILE A . n 
A 1 87  ARG 87  87  87  ARG ARG A . n 
A 1 88  GLY 88  88  88  GLY GLY A . n 
A 1 89  SER 89  89  89  SER SER A . n 
A 1 90  THR 90  90  90  THR THR A . n 
A 1 91  PRO 91  91  91  PRO PRO A . n 
A 1 92  TYR 92  92  92  TYR TYR A . n 
A 1 93  ARG 93  93  93  ARG ARG A . n 
A 1 94  HIS 94  94  94  HIS HIS A . n 
A 1 95  GLY 95  95  95  GLY GLY A . n 
A 1 96  ASP 96  96  96  ASP ASP A . n 
A 1 97  SER 97  97  97  SER SER A . n 
A 1 98  VAL 98  98  98  VAL VAL A . n 
A 1 99  THR 99  99  99  THR THR A . n 
A 1 100 PHE 100 100 100 PHE PHE A . n 
A 1 101 ALA 101 101 101 ALA ALA A . n 
A 1 102 CYS 102 102 102 CYS CYS A . n 
A 1 103 LYS 103 103 103 LYS LYS A . n 
A 1 104 THR 104 104 104 THR THR A . n 
A 1 105 ASN 105 105 105 ASN ASN A . n 
A 1 106 PHE 106 106 106 PHE PHE A . n 
A 1 107 SER 107 107 107 SER SER A . n 
A 1 108 MET 108 108 108 MET MET A . n 
A 1 109 ASN 109 109 109 ASN ASN A . n 
A 1 110 GLY 110 110 110 GLY GLY A . n 
A 1 111 ASN 111 111 111 ASN ASN A . n 
A 1 112 LYS 112 112 112 LYS LYS A . n 
A 1 113 SER 113 113 113 SER SER A . n 
A 1 114 VAL 114 114 114 VAL VAL A . n 
A 1 115 TRP 115 115 115 TRP TRP A . n 
A 1 116 CYS 116 116 116 CYS CYS A . n 
A 1 117 GLN 117 117 117 GLN GLN A . n 
A 1 118 ALA 118 118 118 ALA ALA A . n 
A 1 119 ASN 119 119 119 ASN ASN A . n 
A 1 120 ASN 120 120 120 ASN ASN A . n 
A 1 121 MET 121 121 121 MET MET A . n 
A 1 122 TRP 122 122 122 TRP TRP A . n 
A 1 123 GLY 123 123 123 GLY GLY A . n 
A 1 124 PRO 124 124 124 PRO PRO A . n 
A 1 125 THR 125 125 125 THR THR A . n 
A 1 126 ARG 126 126 126 ARG ARG A . n 
A 1 127 LEU 127 127 127 LEU LEU A . n 
A 1 128 PRO 128 128 128 PRO PRO A . n 
A 1 129 THR 129 129 129 THR THR A . n 
A 1 130 CYS 130 130 130 CYS CYS A . n 
A 1 131 VAL 131 131 131 VAL VAL A . n 
A 1 132 SER 132 132 132 SER SER A . n 
A 1 133 VAL 133 133 133 VAL VAL A . n 
A 1 134 PHE 134 134 134 PHE PHE A . n 
A 1 135 PRO 135 135 135 PRO PRO A . n 
A 1 136 LEU 136 136 136 LEU LEU A . n 
A 1 137 GLU 137 137 137 GLU GLU A . n 
A 1 138 GLN 138 138 138 GLN GLN A . n 
A 1 139 LYS 139 139 139 LYS LYS A . n 
A 1 140 LEU 140 140 140 LEU LEU A . n 
A 1 141 ILE 141 141 141 ILE ILE A . n 
A 1 142 SER 142 142 142 SER SER A . n 
# 
_software.name             INSIGHT 
_software.classification   refinement 
_software.version          'II 98' 
_software.citation_id      ? 
_software.pdbx_ordinal     1 
# 
_cell.entry_id           1W2R 
_cell.length_a           1.000 
_cell.length_b           1.000 
_cell.length_c           1.000 
_cell.angle_alpha        90.00 
_cell.angle_beta         90.00 
_cell.angle_gamma        90.00 
_cell.Z_PDB              1 
_cell.pdbx_unique_axis   ? 
# 
_symmetry.entry_id                         1W2R 
_symmetry.space_group_name_H-M             'P 1' 
_symmetry.pdbx_full_space_group_name_H-M   ? 
_symmetry.cell_setting                     ? 
_symmetry.Int_Tables_number                1 
# 
_exptl.entry_id          1W2R 
_exptl.method            'SOLUTION SCATTERING' 
_exptl.crystals_number   ? 
# 
_refine_hist.pdbx_refine_id                   'SOLUTION SCATTERING' 
_refine_hist.cycle_id                         LAST 
_refine_hist.pdbx_number_atoms_protein        142 
_refine_hist.pdbx_number_atoms_nucleic_acid   0 
_refine_hist.pdbx_number_atoms_ligand         0 
_refine_hist.number_atoms_solvent             0 
_refine_hist.number_atoms_total               142 
_refine_hist.d_res_high                       . 
_refine_hist.d_res_low                        . 
# 
_struct.entry_id                  1W2R 
_struct.title                     'Solution structure of CR2 SCR 1-2 by X-ray scattering' 
_struct.pdbx_model_details        ? 
_struct.pdbx_CASP_flag            ? 
_struct.pdbx_model_type_details   'CA ATOMS ONLY, CHAIN A' 
# 
_struct_keywords.entry_id        1W2R 
_struct_keywords.pdbx_keywords   'IMMUNE SYSTEM' 
_struct_keywords.text            
'IMMUNE SYSTEM, ANALYTICAL ULTRACENTRIFUGATION, THROMBOSPONDIN TYPE I REPEATS, CONSTRAINED MODELLING, GLYCOPROTEIN' 
# 
_struct_asym.id                            A 
_struct_asym.pdbx_blank_PDB_chainid_flag   N 
_struct_asym.pdbx_modified                 N 
_struct_asym.entity_id                     1 
_struct_asym.details                       ? 
# 
loop_
_struct_ref.id 
_struct_ref.db_name 
_struct_ref.db_code 
_struct_ref.entity_id 
_struct_ref.pdbx_seq_one_letter_code 
_struct_ref.pdbx_align_begin 
_struct_ref.pdbx_db_accession 
_struct_ref.pdbx_db_isoform 
1 PDB 1W2R      1 ? ? 1W2R   ? 
2 UNP CR2_HUMAN 1 ? ? P20023 ? 
# 
loop_
_struct_ref_seq.align_id 
_struct_ref_seq.ref_id 
_struct_ref_seq.pdbx_PDB_id_code 
_struct_ref_seq.pdbx_strand_id 
_struct_ref_seq.seq_align_beg 
_struct_ref_seq.pdbx_seq_align_beg_ins_code 
_struct_ref_seq.seq_align_end 
_struct_ref_seq.pdbx_seq_align_end_ins_code 
_struct_ref_seq.pdbx_db_accession 
_struct_ref_seq.db_align_beg 
_struct_ref_seq.pdbx_db_align_beg_ins_code 
_struct_ref_seq.db_align_end 
_struct_ref_seq.pdbx_db_align_end_ins_code 
_struct_ref_seq.pdbx_auth_seq_align_beg 
_struct_ref_seq.pdbx_auth_seq_align_end 
1 1 1W2R A 1   ? 4   ? 1W2R   1   ? 4   ? 1   4   
2 2 1W2R A 5   ? 137 ? P20023 21  ? 153 ? 5   137 
3 1 1W2R A 138 ? 142 ? 1W2R   138 ? 142 ? 138 142 
# 
_struct_ref_seq_dif.align_id                     1 
_struct_ref_seq_dif.pdbx_pdb_id_code             1W2R 
_struct_ref_seq_dif.mon_id                       GLN 
_struct_ref_seq_dif.pdbx_pdb_strand_id           A 
_struct_ref_seq_dif.seq_num                      67 
_struct_ref_seq_dif.pdbx_pdb_ins_code            ? 
_struct_ref_seq_dif.pdbx_seq_db_name             UNP 
_struct_ref_seq_dif.pdbx_seq_db_accession_code   P20023 
_struct_ref_seq_dif.db_mon_id                    GLU 
_struct_ref_seq_dif.pdbx_seq_db_seq_num          83 
_struct_ref_seq_dif.details                      conflict 
_struct_ref_seq_dif.pdbx_auth_seq_num            67 
_struct_ref_seq_dif.pdbx_ordinal                 1 
# 
_pdbx_struct_assembly.id                   1 
_pdbx_struct_assembly.details              author_and_software_defined_assembly 
_pdbx_struct_assembly.method_details       PISA 
_pdbx_struct_assembly.oligomeric_details   monomeric 
_pdbx_struct_assembly.oligomeric_count     1 
# 
_pdbx_struct_assembly_gen.assembly_id       1 
_pdbx_struct_assembly_gen.oper_expression   1 
_pdbx_struct_assembly_gen.asym_id_list      A 
# 
_pdbx_struct_oper_list.id                   1 
_pdbx_struct_oper_list.type                 'identity operation' 
_pdbx_struct_oper_list.name                 1_555 
_pdbx_struct_oper_list.symmetry_operation   x,y,z 
_pdbx_struct_oper_list.matrix[1][1]         1.0000000000 
_pdbx_struct_oper_list.matrix[1][2]         0.0000000000 
_pdbx_struct_oper_list.matrix[1][3]         0.0000000000 
_pdbx_struct_oper_list.vector[1]            0.0000000000 
_pdbx_struct_oper_list.matrix[2][1]         0.0000000000 
_pdbx_struct_oper_list.matrix[2][2]         1.0000000000 
_pdbx_struct_oper_list.matrix[2][3]         0.0000000000 
_pdbx_struct_oper_list.vector[2]            0.0000000000 
_pdbx_struct_oper_list.matrix[3][1]         0.0000000000 
_pdbx_struct_oper_list.matrix[3][2]         0.0000000000 
_pdbx_struct_oper_list.matrix[3][3]         1.0000000000 
_pdbx_struct_oper_list.vector[3]            0.0000000000 
# 
_struct_biol.id   1 
# 
loop_
_pdbx_validate_close_contact.id 
_pdbx_validate_close_contact.PDB_model_num 
_pdbx_validate_close_contact.auth_atom_id_1 
_pdbx_validate_close_contact.auth_asym_id_1 
_pdbx_validate_close_contact.auth_comp_id_1 
_pdbx_validate_close_contact.auth_seq_id_1 
_pdbx_validate_close_contact.PDB_ins_code_1 
_pdbx_validate_close_contact.label_alt_id_1 
_pdbx_validate_close_contact.auth_atom_id_2 
_pdbx_validate_close_contact.auth_asym_id_2 
_pdbx_validate_close_contact.auth_comp_id_2 
_pdbx_validate_close_contact.auth_seq_id_2 
_pdbx_validate_close_contact.PDB_ins_code_2 
_pdbx_validate_close_contact.label_alt_id_2 
_pdbx_validate_close_contact.dist 
1 3 CA A SER 107 ? ? CA A PRO 135 ? ? 1.98 
2 3 CA A SER 73  ? ? CA A ASN 120 ? ? 2.00 
3 4 CA A TYR 72  ? ? CA A ASN 119 ? ? 1.89 
4 4 CA A SER 107 ? ? CA A PRO 135 ? ? 1.98 
5 5 CA A SER 73  ? ? CA A ASN 120 ? ? 2.10 
# 
loop_
_chem_comp_atom.comp_id 
_chem_comp_atom.atom_id 
_chem_comp_atom.type_symbol 
_chem_comp_atom.pdbx_aromatic_flag 
_chem_comp_atom.pdbx_stereo_config 
_chem_comp_atom.pdbx_ordinal 
ALA N    N N N 1   
ALA CA   C N S 2   
ALA C    C N N 3   
ALA O    O N N 4   
ALA CB   C N N 5   
ALA OXT  O N N 6   
ALA H    H N N 7   
ALA H2   H N N 8   
ALA HA   H N N 9   
ALA HB1  H N N 10  
ALA HB2  H N N 11  
ALA HB3  H N N 12  
ALA HXT  H N N 13  
ARG N    N N N 14  
ARG CA   C N S 15  
ARG C    C N N 16  
ARG O    O N N 17  
ARG CB   C N N 18  
ARG CG   C N N 19  
ARG CD   C N N 20  
ARG NE   N N N 21  
ARG CZ   C N N 22  
ARG NH1  N N N 23  
ARG NH2  N N N 24  
ARG OXT  O N N 25  
ARG H    H N N 26  
ARG H2   H N N 27  
ARG HA   H N N 28  
ARG HB2  H N N 29  
ARG HB3  H N N 30  
ARG HG2  H N N 31  
ARG HG3  H N N 32  
ARG HD2  H N N 33  
ARG HD3  H N N 34  
ARG HE   H N N 35  
ARG HH11 H N N 36  
ARG HH12 H N N 37  
ARG HH21 H N N 38  
ARG HH22 H N N 39  
ARG HXT  H N N 40  
ASN N    N N N 41  
ASN CA   C N S 42  
ASN C    C N N 43  
ASN O    O N N 44  
ASN CB   C N N 45  
ASN CG   C N N 46  
ASN OD1  O N N 47  
ASN ND2  N N N 48  
ASN OXT  O N N 49  
ASN H    H N N 50  
ASN H2   H N N 51  
ASN HA   H N N 52  
ASN HB2  H N N 53  
ASN HB3  H N N 54  
ASN HD21 H N N 55  
ASN HD22 H N N 56  
ASN HXT  H N N 57  
ASP N    N N N 58  
ASP CA   C N S 59  
ASP C    C N N 60  
ASP O    O N N 61  
ASP CB   C N N 62  
ASP CG   C N N 63  
ASP OD1  O N N 64  
ASP OD2  O N N 65  
ASP OXT  O N N 66  
ASP H    H N N 67  
ASP H2   H N N 68  
ASP HA   H N N 69  
ASP HB2  H N N 70  
ASP HB3  H N N 71  
ASP HD2  H N N 72  
ASP HXT  H N N 73  
CYS N    N N N 74  
CYS CA   C N R 75  
CYS C    C N N 76  
CYS O    O N N 77  
CYS CB   C N N 78  
CYS SG   S N N 79  
CYS OXT  O N N 80  
CYS H    H N N 81  
CYS H2   H N N 82  
CYS HA   H N N 83  
CYS HB2  H N N 84  
CYS HB3  H N N 85  
CYS HG   H N N 86  
CYS HXT  H N N 87  
GLN N    N N N 88  
GLN CA   C N S 89  
GLN C    C N N 90  
GLN O    O N N 91  
GLN CB   C N N 92  
GLN CG   C N N 93  
GLN CD   C N N 94  
GLN OE1  O N N 95  
GLN NE2  N N N 96  
GLN OXT  O N N 97  
GLN H    H N N 98  
GLN H2   H N N 99  
GLN HA   H N N 100 
GLN HB2  H N N 101 
GLN HB3  H N N 102 
GLN HG2  H N N 103 
GLN HG3  H N N 104 
GLN HE21 H N N 105 
GLN HE22 H N N 106 
GLN HXT  H N N 107 
GLU N    N N N 108 
GLU CA   C N S 109 
GLU C    C N N 110 
GLU O    O N N 111 
GLU CB   C N N 112 
GLU CG   C N N 113 
GLU CD   C N N 114 
GLU OE1  O N N 115 
GLU OE2  O N N 116 
GLU OXT  O N N 117 
GLU H    H N N 118 
GLU H2   H N N 119 
GLU HA   H N N 120 
GLU HB2  H N N 121 
GLU HB3  H N N 122 
GLU HG2  H N N 123 
GLU HG3  H N N 124 
GLU HE2  H N N 125 
GLU HXT  H N N 126 
GLY N    N N N 127 
GLY CA   C N N 128 
GLY C    C N N 129 
GLY O    O N N 130 
GLY OXT  O N N 131 
GLY H    H N N 132 
GLY H2   H N N 133 
GLY HA2  H N N 134 
GLY HA3  H N N 135 
GLY HXT  H N N 136 
HIS N    N N N 137 
HIS CA   C N S 138 
HIS C    C N N 139 
HIS O    O N N 140 
HIS CB   C N N 141 
HIS CG   C Y N 142 
HIS ND1  N Y N 143 
HIS CD2  C Y N 144 
HIS CE1  C Y N 145 
HIS NE2  N Y N 146 
HIS OXT  O N N 147 
HIS H    H N N 148 
HIS H2   H N N 149 
HIS HA   H N N 150 
HIS HB2  H N N 151 
HIS HB3  H N N 152 
HIS HD1  H N N 153 
HIS HD2  H N N 154 
HIS HE1  H N N 155 
HIS HE2  H N N 156 
HIS HXT  H N N 157 
ILE N    N N N 158 
ILE CA   C N S 159 
ILE C    C N N 160 
ILE O    O N N 161 
ILE CB   C N S 162 
ILE CG1  C N N 163 
ILE CG2  C N N 164 
ILE CD1  C N N 165 
ILE OXT  O N N 166 
ILE H    H N N 167 
ILE H2   H N N 168 
ILE HA   H N N 169 
ILE HB   H N N 170 
ILE HG12 H N N 171 
ILE HG13 H N N 172 
ILE HG21 H N N 173 
ILE HG22 H N N 174 
ILE HG23 H N N 175 
ILE HD11 H N N 176 
ILE HD12 H N N 177 
ILE HD13 H N N 178 
ILE HXT  H N N 179 
LEU N    N N N 180 
LEU CA   C N S 181 
LEU C    C N N 182 
LEU O    O N N 183 
LEU CB   C N N 184 
LEU CG   C N N 185 
LEU CD1  C N N 186 
LEU CD2  C N N 187 
LEU OXT  O N N 188 
LEU H    H N N 189 
LEU H2   H N N 190 
LEU HA   H N N 191 
LEU HB2  H N N 192 
LEU HB3  H N N 193 
LEU HG   H N N 194 
LEU HD11 H N N 195 
LEU HD12 H N N 196 
LEU HD13 H N N 197 
LEU HD21 H N N 198 
LEU HD22 H N N 199 
LEU HD23 H N N 200 
LEU HXT  H N N 201 
LYS N    N N N 202 
LYS CA   C N S 203 
LYS C    C N N 204 
LYS O    O N N 205 
LYS CB   C N N 206 
LYS CG   C N N 207 
LYS CD   C N N 208 
LYS CE   C N N 209 
LYS NZ   N N N 210 
LYS OXT  O N N 211 
LYS H    H N N 212 
LYS H2   H N N 213 
LYS HA   H N N 214 
LYS HB2  H N N 215 
LYS HB3  H N N 216 
LYS HG2  H N N 217 
LYS HG3  H N N 218 
LYS HD2  H N N 219 
LYS HD3  H N N 220 
LYS HE2  H N N 221 
LYS HE3  H N N 222 
LYS HZ1  H N N 223 
LYS HZ2  H N N 224 
LYS HZ3  H N N 225 
LYS HXT  H N N 226 
MET N    N N N 227 
MET CA   C N S 228 
MET C    C N N 229 
MET O    O N N 230 
MET CB   C N N 231 
MET CG   C N N 232 
MET SD   S N N 233 
MET CE   C N N 234 
MET OXT  O N N 235 
MET H    H N N 236 
MET H2   H N N 237 
MET HA   H N N 238 
MET HB2  H N N 239 
MET HB3  H N N 240 
MET HG2  H N N 241 
MET HG3  H N N 242 
MET HE1  H N N 243 
MET HE2  H N N 244 
MET HE3  H N N 245 
MET HXT  H N N 246 
PHE N    N N N 247 
PHE CA   C N S 248 
PHE C    C N N 249 
PHE O    O N N 250 
PHE CB   C N N 251 
PHE CG   C Y N 252 
PHE CD1  C Y N 253 
PHE CD2  C Y N 254 
PHE CE1  C Y N 255 
PHE CE2  C Y N 256 
PHE CZ   C Y N 257 
PHE OXT  O N N 258 
PHE H    H N N 259 
PHE H2   H N N 260 
PHE HA   H N N 261 
PHE HB2  H N N 262 
PHE HB3  H N N 263 
PHE HD1  H N N 264 
PHE HD2  H N N 265 
PHE HE1  H N N 266 
PHE HE2  H N N 267 
PHE HZ   H N N 268 
PHE HXT  H N N 269 
PRO N    N N N 270 
PRO CA   C N S 271 
PRO C    C N N 272 
PRO O    O N N 273 
PRO CB   C N N 274 
PRO CG   C N N 275 
PRO CD   C N N 276 
PRO OXT  O N N 277 
PRO H    H N N 278 
PRO HA   H N N 279 
PRO HB2  H N N 280 
PRO HB3  H N N 281 
PRO HG2  H N N 282 
PRO HG3  H N N 283 
PRO HD2  H N N 284 
PRO HD3  H N N 285 
PRO HXT  H N N 286 
SER N    N N N 287 
SER CA   C N S 288 
SER C    C N N 289 
SER O    O N N 290 
SER CB   C N N 291 
SER OG   O N N 292 
SER OXT  O N N 293 
SER H    H N N 294 
SER H2   H N N 295 
SER HA   H N N 296 
SER HB2  H N N 297 
SER HB3  H N N 298 
SER HG   H N N 299 
SER HXT  H N N 300 
THR N    N N N 301 
THR CA   C N S 302 
THR C    C N N 303 
THR O    O N N 304 
THR CB   C N R 305 
THR OG1  O N N 306 
THR CG2  C N N 307 
THR OXT  O N N 308 
THR H    H N N 309 
THR H2   H N N 310 
THR HA   H N N 311 
THR HB   H N N 312 
THR HG1  H N N 313 
THR HG21 H N N 314 
THR HG22 H N N 315 
THR HG23 H N N 316 
THR HXT  H N N 317 
TRP N    N N N 318 
TRP CA   C N S 319 
TRP C    C N N 320 
TRP O    O N N 321 
TRP CB   C N N 322 
TRP CG   C Y N 323 
TRP CD1  C Y N 324 
TRP CD2  C Y N 325 
TRP NE1  N Y N 326 
TRP CE2  C Y N 327 
TRP CE3  C Y N 328 
TRP CZ2  C Y N 329 
TRP CZ3  C Y N 330 
TRP CH2  C Y N 331 
TRP OXT  O N N 332 
TRP H    H N N 333 
TRP H2   H N N 334 
TRP HA   H N N 335 
TRP HB2  H N N 336 
TRP HB3  H N N 337 
TRP HD1  H N N 338 
TRP HE1  H N N 339 
TRP HE3  H N N 340 
TRP HZ2  H N N 341 
TRP HZ3  H N N 342 
TRP HH2  H N N 343 
TRP HXT  H N N 344 
TYR N    N N N 345 
TYR CA   C N S 346 
TYR C    C N N 347 
TYR O    O N N 348 
TYR CB   C N N 349 
TYR CG   C Y N 350 
TYR CD1  C Y N 351 
TYR CD2  C Y N 352 
TYR CE1  C Y N 353 
TYR CE2  C Y N 354 
TYR CZ   C Y N 355 
TYR OH   O N N 356 
TYR OXT  O N N 357 
TYR H    H N N 358 
TYR H2   H N N 359 
TYR HA   H N N 360 
TYR HB2  H N N 361 
TYR HB3  H N N 362 
TYR HD1  H N N 363 
TYR HD2  H N N 364 
TYR HE1  H N N 365 
TYR HE2  H N N 366 
TYR HH   H N N 367 
TYR HXT  H N N 368 
VAL N    N N N 369 
VAL CA   C N S 370 
VAL C    C N N 371 
VAL O    O N N 372 
VAL CB   C N N 373 
VAL CG1  C N N 374 
VAL CG2  C N N 375 
VAL OXT  O N N 376 
VAL H    H N N 377 
VAL H2   H N N 378 
VAL HA   H N N 379 
VAL HB   H N N 380 
VAL HG11 H N N 381 
VAL HG12 H N N 382 
VAL HG13 H N N 383 
VAL HG21 H N N 384 
VAL HG22 H N N 385 
VAL HG23 H N N 386 
VAL HXT  H N N 387 
# 
loop_
_chem_comp_bond.comp_id 
_chem_comp_bond.atom_id_1 
_chem_comp_bond.atom_id_2 
_chem_comp_bond.value_order 
_chem_comp_bond.pdbx_aromatic_flag 
_chem_comp_bond.pdbx_stereo_config 
_chem_comp_bond.pdbx_ordinal 
ALA N   CA   sing N N 1   
ALA N   H    sing N N 2   
ALA N   H2   sing N N 3   
ALA CA  C    sing N N 4   
ALA CA  CB   sing N N 5   
ALA CA  HA   sing N N 6   
ALA C   O    doub N N 7   
ALA C   OXT  sing N N 8   
ALA CB  HB1  sing N N 9   
ALA CB  HB2  sing N N 10  
ALA CB  HB3  sing N N 11  
ALA OXT HXT  sing N N 12  
ARG N   CA   sing N N 13  
ARG N   H    sing N N 14  
ARG N   H2   sing N N 15  
ARG CA  C    sing N N 16  
ARG CA  CB   sing N N 17  
ARG CA  HA   sing N N 18  
ARG C   O    doub N N 19  
ARG C   OXT  sing N N 20  
ARG CB  CG   sing N N 21  
ARG CB  HB2  sing N N 22  
ARG CB  HB3  sing N N 23  
ARG CG  CD   sing N N 24  
ARG CG  HG2  sing N N 25  
ARG CG  HG3  sing N N 26  
ARG CD  NE   sing N N 27  
ARG CD  HD2  sing N N 28  
ARG CD  HD3  sing N N 29  
ARG NE  CZ   sing N N 30  
ARG NE  HE   sing N N 31  
ARG CZ  NH1  sing N N 32  
ARG CZ  NH2  doub N N 33  
ARG NH1 HH11 sing N N 34  
ARG NH1 HH12 sing N N 35  
ARG NH2 HH21 sing N N 36  
ARG NH2 HH22 sing N N 37  
ARG OXT HXT  sing N N 38  
ASN N   CA   sing N N 39  
ASN N   H    sing N N 40  
ASN N   H2   sing N N 41  
ASN CA  C    sing N N 42  
ASN CA  CB   sing N N 43  
ASN CA  HA   sing N N 44  
ASN C   O    doub N N 45  
ASN C   OXT  sing N N 46  
ASN CB  CG   sing N N 47  
ASN CB  HB2  sing N N 48  
ASN CB  HB3  sing N N 49  
ASN CG  OD1  doub N N 50  
ASN CG  ND2  sing N N 51  
ASN ND2 HD21 sing N N 52  
ASN ND2 HD22 sing N N 53  
ASN OXT HXT  sing N N 54  
ASP N   CA   sing N N 55  
ASP N   H    sing N N 56  
ASP N   H2   sing N N 57  
ASP CA  C    sing N N 58  
ASP CA  CB   sing N N 59  
ASP CA  HA   sing N N 60  
ASP C   O    doub N N 61  
ASP C   OXT  sing N N 62  
ASP CB  CG   sing N N 63  
ASP CB  HB2  sing N N 64  
ASP CB  HB3  sing N N 65  
ASP CG  OD1  doub N N 66  
ASP CG  OD2  sing N N 67  
ASP OD2 HD2  sing N N 68  
ASP OXT HXT  sing N N 69  
CYS N   CA   sing N N 70  
CYS N   H    sing N N 71  
CYS N   H2   sing N N 72  
CYS CA  C    sing N N 73  
CYS CA  CB   sing N N 74  
CYS CA  HA   sing N N 75  
CYS C   O    doub N N 76  
CYS C   OXT  sing N N 77  
CYS CB  SG   sing N N 78  
CYS CB  HB2  sing N N 79  
CYS CB  HB3  sing N N 80  
CYS SG  HG   sing N N 81  
CYS OXT HXT  sing N N 82  
GLN N   CA   sing N N 83  
GLN N   H    sing N N 84  
GLN N   H2   sing N N 85  
GLN CA  C    sing N N 86  
GLN CA  CB   sing N N 87  
GLN CA  HA   sing N N 88  
GLN C   O    doub N N 89  
GLN C   OXT  sing N N 90  
GLN CB  CG   sing N N 91  
GLN CB  HB2  sing N N 92  
GLN CB  HB3  sing N N 93  
GLN CG  CD   sing N N 94  
GLN CG  HG2  sing N N 95  
GLN CG  HG3  sing N N 96  
GLN CD  OE1  doub N N 97  
GLN CD  NE2  sing N N 98  
GLN NE2 HE21 sing N N 99  
GLN NE2 HE22 sing N N 100 
GLN OXT HXT  sing N N 101 
GLU N   CA   sing N N 102 
GLU N   H    sing N N 103 
GLU N   H2   sing N N 104 
GLU CA  C    sing N N 105 
GLU CA  CB   sing N N 106 
GLU CA  HA   sing N N 107 
GLU C   O    doub N N 108 
GLU C   OXT  sing N N 109 
GLU CB  CG   sing N N 110 
GLU CB  HB2  sing N N 111 
GLU CB  HB3  sing N N 112 
GLU CG  CD   sing N N 113 
GLU CG  HG2  sing N N 114 
GLU CG  HG3  sing N N 115 
GLU CD  OE1  doub N N 116 
GLU CD  OE2  sing N N 117 
GLU OE2 HE2  sing N N 118 
GLU OXT HXT  sing N N 119 
GLY N   CA   sing N N 120 
GLY N   H    sing N N 121 
GLY N   H2   sing N N 122 
GLY CA  C    sing N N 123 
GLY CA  HA2  sing N N 124 
GLY CA  HA3  sing N N 125 
GLY C   O    doub N N 126 
GLY C   OXT  sing N N 127 
GLY OXT HXT  sing N N 128 
HIS N   CA   sing N N 129 
HIS N   H    sing N N 130 
HIS N   H2   sing N N 131 
HIS CA  C    sing N N 132 
HIS CA  CB   sing N N 133 
HIS CA  HA   sing N N 134 
HIS C   O    doub N N 135 
HIS C   OXT  sing N N 136 
HIS CB  CG   sing N N 137 
HIS CB  HB2  sing N N 138 
HIS CB  HB3  sing N N 139 
HIS CG  ND1  sing Y N 140 
HIS CG  CD2  doub Y N 141 
HIS ND1 CE1  doub Y N 142 
HIS ND1 HD1  sing N N 143 
HIS CD2 NE2  sing Y N 144 
HIS CD2 HD2  sing N N 145 
HIS CE1 NE2  sing Y N 146 
HIS CE1 HE1  sing N N 147 
HIS NE2 HE2  sing N N 148 
HIS OXT HXT  sing N N 149 
ILE N   CA   sing N N 150 
ILE N   H    sing N N 151 
ILE N   H2   sing N N 152 
ILE CA  C    sing N N 153 
ILE CA  CB   sing N N 154 
ILE CA  HA   sing N N 155 
ILE C   O    doub N N 156 
ILE C   OXT  sing N N 157 
ILE CB  CG1  sing N N 158 
ILE CB  CG2  sing N N 159 
ILE CB  HB   sing N N 160 
ILE CG1 CD1  sing N N 161 
ILE CG1 HG12 sing N N 162 
ILE CG1 HG13 sing N N 163 
ILE CG2 HG21 sing N N 164 
ILE CG2 HG22 sing N N 165 
ILE CG2 HG23 sing N N 166 
ILE CD1 HD11 sing N N 167 
ILE CD1 HD12 sing N N 168 
ILE CD1 HD13 sing N N 169 
ILE OXT HXT  sing N N 170 
LEU N   CA   sing N N 171 
LEU N   H    sing N N 172 
LEU N   H2   sing N N 173 
LEU CA  C    sing N N 174 
LEU CA  CB   sing N N 175 
LEU CA  HA   sing N N 176 
LEU C   O    doub N N 177 
LEU C   OXT  sing N N 178 
LEU CB  CG   sing N N 179 
LEU CB  HB2  sing N N 180 
LEU CB  HB3  sing N N 181 
LEU CG  CD1  sing N N 182 
LEU CG  CD2  sing N N 183 
LEU CG  HG   sing N N 184 
LEU CD1 HD11 sing N N 185 
LEU CD1 HD12 sing N N 186 
LEU CD1 HD13 sing N N 187 
LEU CD2 HD21 sing N N 188 
LEU CD2 HD22 sing N N 189 
LEU CD2 HD23 sing N N 190 
LEU OXT HXT  sing N N 191 
LYS N   CA   sing N N 192 
LYS N   H    sing N N 193 
LYS N   H2   sing N N 194 
LYS CA  C    sing N N 195 
LYS CA  CB   sing N N 196 
LYS CA  HA   sing N N 197 
LYS C   O    doub N N 198 
LYS C   OXT  sing N N 199 
LYS CB  CG   sing N N 200 
LYS CB  HB2  sing N N 201 
LYS CB  HB3  sing N N 202 
LYS CG  CD   sing N N 203 
LYS CG  HG2  sing N N 204 
LYS CG  HG3  sing N N 205 
LYS CD  CE   sing N N 206 
LYS CD  HD2  sing N N 207 
LYS CD  HD3  sing N N 208 
LYS CE  NZ   sing N N 209 
LYS CE  HE2  sing N N 210 
LYS CE  HE3  sing N N 211 
LYS NZ  HZ1  sing N N 212 
LYS NZ  HZ2  sing N N 213 
LYS NZ  HZ3  sing N N 214 
LYS OXT HXT  sing N N 215 
MET N   CA   sing N N 216 
MET N   H    sing N N 217 
MET N   H2   sing N N 218 
MET CA  C    sing N N 219 
MET CA  CB   sing N N 220 
MET CA  HA   sing N N 221 
MET C   O    doub N N 222 
MET C   OXT  sing N N 223 
MET CB  CG   sing N N 224 
MET CB  HB2  sing N N 225 
MET CB  HB3  sing N N 226 
MET CG  SD   sing N N 227 
MET CG  HG2  sing N N 228 
MET CG  HG3  sing N N 229 
MET SD  CE   sing N N 230 
MET CE  HE1  sing N N 231 
MET CE  HE2  sing N N 232 
MET CE  HE3  sing N N 233 
MET OXT HXT  sing N N 234 
PHE N   CA   sing N N 235 
PHE N   H    sing N N 236 
PHE N   H2   sing N N 237 
PHE CA  C    sing N N 238 
PHE CA  CB   sing N N 239 
PHE CA  HA   sing N N 240 
PHE C   O    doub N N 241 
PHE C   OXT  sing N N 242 
PHE CB  CG   sing N N 243 
PHE CB  HB2  sing N N 244 
PHE CB  HB3  sing N N 245 
PHE CG  CD1  doub Y N 246 
PHE CG  CD2  sing Y N 247 
PHE CD1 CE1  sing Y N 248 
PHE CD1 HD1  sing N N 249 
PHE CD2 CE2  doub Y N 250 
PHE CD2 HD2  sing N N 251 
PHE CE1 CZ   doub Y N 252 
PHE CE1 HE1  sing N N 253 
PHE CE2 CZ   sing Y N 254 
PHE CE2 HE2  sing N N 255 
PHE CZ  HZ   sing N N 256 
PHE OXT HXT  sing N N 257 
PRO N   CA   sing N N 258 
PRO N   CD   sing N N 259 
PRO N   H    sing N N 260 
PRO CA  C    sing N N 261 
PRO CA  CB   sing N N 262 
PRO CA  HA   sing N N 263 
PRO C   O    doub N N 264 
PRO C   OXT  sing N N 265 
PRO CB  CG   sing N N 266 
PRO CB  HB2  sing N N 267 
PRO CB  HB3  sing N N 268 
PRO CG  CD   sing N N 269 
PRO CG  HG2  sing N N 270 
PRO CG  HG3  sing N N 271 
PRO CD  HD2  sing N N 272 
PRO CD  HD3  sing N N 273 
PRO OXT HXT  sing N N 274 
SER N   CA   sing N N 275 
SER N   H    sing N N 276 
SER N   H2   sing N N 277 
SER CA  C    sing N N 278 
SER CA  CB   sing N N 279 
SER CA  HA   sing N N 280 
SER C   O    doub N N 281 
SER C   OXT  sing N N 282 
SER CB  OG   sing N N 283 
SER CB  HB2  sing N N 284 
SER CB  HB3  sing N N 285 
SER OG  HG   sing N N 286 
SER OXT HXT  sing N N 287 
THR N   CA   sing N N 288 
THR N   H    sing N N 289 
THR N   H2   sing N N 290 
THR CA  C    sing N N 291 
THR CA  CB   sing N N 292 
THR CA  HA   sing N N 293 
THR C   O    doub N N 294 
THR C   OXT  sing N N 295 
THR CB  OG1  sing N N 296 
THR CB  CG2  sing N N 297 
THR CB  HB   sing N N 298 
THR OG1 HG1  sing N N 299 
THR CG2 HG21 sing N N 300 
THR CG2 HG22 sing N N 301 
THR CG2 HG23 sing N N 302 
THR OXT HXT  sing N N 303 
TRP N   CA   sing N N 304 
TRP N   H    sing N N 305 
TRP N   H2   sing N N 306 
TRP CA  C    sing N N 307 
TRP CA  CB   sing N N 308 
TRP CA  HA   sing N N 309 
TRP C   O    doub N N 310 
TRP C   OXT  sing N N 311 
TRP CB  CG   sing N N 312 
TRP CB  HB2  sing N N 313 
TRP CB  HB3  sing N N 314 
TRP CG  CD1  doub Y N 315 
TRP CG  CD2  sing Y N 316 
TRP CD1 NE1  sing Y N 317 
TRP CD1 HD1  sing N N 318 
TRP CD2 CE2  doub Y N 319 
TRP CD2 CE3  sing Y N 320 
TRP NE1 CE2  sing Y N 321 
TRP NE1 HE1  sing N N 322 
TRP CE2 CZ2  sing Y N 323 
TRP CE3 CZ3  doub Y N 324 
TRP CE3 HE3  sing N N 325 
TRP CZ2 CH2  doub Y N 326 
TRP CZ2 HZ2  sing N N 327 
TRP CZ3 CH2  sing Y N 328 
TRP CZ3 HZ3  sing N N 329 
TRP CH2 HH2  sing N N 330 
TRP OXT HXT  sing N N 331 
TYR N   CA   sing N N 332 
TYR N   H    sing N N 333 
TYR N   H2   sing N N 334 
TYR CA  C    sing N N 335 
TYR CA  CB   sing N N 336 
TYR CA  HA   sing N N 337 
TYR C   O    doub N N 338 
TYR C   OXT  sing N N 339 
TYR CB  CG   sing N N 340 
TYR CB  HB2  sing N N 341 
TYR CB  HB3  sing N N 342 
TYR CG  CD1  doub Y N 343 
TYR CG  CD2  sing Y N 344 
TYR CD1 CE1  sing Y N 345 
TYR CD1 HD1  sing N N 346 
TYR CD2 CE2  doub Y N 347 
TYR CD2 HD2  sing N N 348 
TYR CE1 CZ   doub Y N 349 
TYR CE1 HE1  sing N N 350 
TYR CE2 CZ   sing Y N 351 
TYR CE2 HE2  sing N N 352 
TYR CZ  OH   sing N N 353 
TYR OH  HH   sing N N 354 
TYR OXT HXT  sing N N 355 
VAL N   CA   sing N N 356 
VAL N   H    sing N N 357 
VAL N   H2   sing N N 358 
VAL CA  C    sing N N 359 
VAL CA  CB   sing N N 360 
VAL CA  HA   sing N N 361 
VAL C   O    doub N N 362 
VAL C   OXT  sing N N 363 
VAL CB  CG1  sing N N 364 
VAL CB  CG2  sing N N 365 
VAL CB  HB   sing N N 366 
VAL CG1 HG11 sing N N 367 
VAL CG1 HG12 sing N N 368 
VAL CG1 HG13 sing N N 369 
VAL CG2 HG21 sing N N 370 
VAL CG2 HG22 sing N N 371 
VAL CG2 HG23 sing N N 372 
VAL OXT HXT  sing N N 373 
# 
_pdbx_coordinate_model.asym_id   A 
_pdbx_coordinate_model.type      'CA ATOMS ONLY' 
# 
loop_
_pdbx_soln_scatter.id 
_pdbx_soln_scatter.type 
_pdbx_soln_scatter.source_type 
_pdbx_soln_scatter.source_class 
_pdbx_soln_scatter.source_beamline 
_pdbx_soln_scatter.source_beamline_instrument 
_pdbx_soln_scatter.detector_type 
_pdbx_soln_scatter.detector_specific 
_pdbx_soln_scatter.temperature 
_pdbx_soln_scatter.num_time_frames 
_pdbx_soln_scatter.concentration_range 
_pdbx_soln_scatter.buffer_name 
_pdbx_soln_scatter.data_reduction_software_list 
_pdbx_soln_scatter.data_analysis_software_list 
_pdbx_soln_scatter.mean_guiner_radius 
_pdbx_soln_scatter.mean_guiner_radius_esd 
_pdbx_soln_scatter.min_mean_cross_sectional_radii_gyration 
_pdbx_soln_scatter.min_mean_cross_sectional_radii_gyration_esd 
_pdbx_soln_scatter.max_mean_cross_sectional_radii_gyration 
_pdbx_soln_scatter.max_mean_cross_sectional_radii_gyration_esd 
_pdbx_soln_scatter.protein_length 
_pdbx_soln_scatter.entry_id 
_pdbx_soln_scatter.sample_pH 
1 x-ray     'ESRF BEAMLINE ID02' Y ? ? 'FRELON CCD CAMERA' ? 288 1 0.6-10.2 '10 MM HEPES, 50 MM NACL' MULTICCD ? 2.12 0.05 1.00 
0.10 ? ? 10 1W2R ? 
2 modelling ?                    ? ? ? ?                   ? ?   ? ?        ?                         ?        ? ?    ?    ?    ? 
? ? ?  1W2R ? 
# 
_pdbx_soln_scatter_model.scatter_id                     2 
_pdbx_soln_scatter_model.id                             1 
_pdbx_soln_scatter_model.method                         ? 
_pdbx_soln_scatter_model.software_list                  'INSIGHT II, SCTPL7, GNOM' 
_pdbx_soln_scatter_model.software_author_list           MSI 
_pdbx_soln_scatter_model.entry_fitting_list             ? 
_pdbx_soln_scatter_model.details                        ? 
_pdbx_soln_scatter_model.num_conformers_calculated      ? 
_pdbx_soln_scatter_model.num_conformers_submitted       6 
_pdbx_soln_scatter_model.conformer_selection_criteria   ? 
_pdbx_soln_scatter_model.representative_conformer       1 
# 
_atom_sites.entry_id                    1W2R 
_atom_sites.fract_transf_matrix[1][1]   1.000000 
_atom_sites.fract_transf_matrix[1][2]   0.000000 
_atom_sites.fract_transf_matrix[1][3]   0.000000 
_atom_sites.fract_transf_matrix[2][1]   0.000000 
_atom_sites.fract_transf_matrix[2][2]   1.000000 
_atom_sites.fract_transf_matrix[2][3]   0.000000 
_atom_sites.fract_transf_matrix[3][1]   0.000000 
_atom_sites.fract_transf_matrix[3][2]   0.000000 
_atom_sites.fract_transf_matrix[3][3]   1.000000 
_atom_sites.fract_transf_vector[1]      0.00000 
_atom_sites.fract_transf_vector[2]      0.00000 
_atom_sites.fract_transf_vector[3]      0.00000 
# 
_atom_type.symbol   C 
# 
loop_
_atom_site.group_PDB 
_atom_site.id 
_atom_site.type_symbol 
_atom_site.label_atom_id 
_atom_site.label_alt_id 
_atom_site.label_comp_id 
_atom_site.label_asym_id 
_atom_site.label_entity_id 
_atom_site.label_seq_id 
_atom_site.pdbx_PDB_ins_code 
_atom_site.Cartn_x 
_atom_site.Cartn_y 
_atom_site.Cartn_z 
_atom_site.occupancy 
_atom_site.B_iso_or_equiv 
_atom_site.pdbx_formal_charge 
_atom_site.auth_seq_id 
_atom_site.auth_comp_id 
_atom_site.auth_asym_id 
_atom_site.auth_atom_id 
_atom_site.pdbx_PDB_model_num 
ATOM 1   C CA . GLU A 1 1   ? -5.512  26.404  -34.411 1.00 0.00  ? 1   GLU A CA 1 
ATOM 2   C CA . ALA A 1 2   ? -7.157  23.588  -32.489 1.00 0.00  ? 2   ALA A CA 1 
ATOM 3   C CA . GLU A 1 3   ? -8.376  22.359  -29.123 1.00 0.00  ? 3   GLU A CA 1 
ATOM 4   C CA . ALA A 1 4   ? -10.025 19.536  -27.195 1.00 43.96 ? 4   ALA A CA 1 
ATOM 5   C CA . ILE A 1 5   ? -11.744 18.648  -23.879 1.00 37.01 ? 5   ILE A CA 1 
ATOM 6   C CA . SER A 1 6   ? -9.284  17.944  -21.042 1.00 26.19 ? 6   SER A CA 1 
ATOM 7   C CA . CYS A 1 7   ? -9.093  17.223  -17.310 1.00 27.29 ? 7   CYS A CA 1 
ATOM 8   C CA . GLY A 1 8   ? -6.910  19.240  -15.004 1.00 23.57 ? 8   GLY A CA 1 
ATOM 9   C CA . SER A 1 9   ? -4.033  17.903  -12.926 1.00 22.23 ? 9   SER A CA 1 
ATOM 10  C CA . PRO A 1 10  ? -5.026  14.672  -11.121 1.00 25.01 ? 10  PRO A CA 1 
ATOM 11  C CA . PRO A 1 11  ? -5.605  14.849  -7.381  1.00 25.28 ? 11  PRO A CA 1 
ATOM 12  C CA . PRO A 1 12  ? -2.380  14.160  -5.412  1.00 32.22 ? 12  PRO A CA 1 
ATOM 13  C CA . ILE A 1 13  ? -1.952  11.199  -3.117  1.00 34.36 ? 13  ILE A CA 1 
ATOM 14  C CA . LEU A 1 14  ? 0.031   11.399  0.084   1.00 34.63 ? 14  LEU A CA 1 
ATOM 15  C CA . ASN A 1 15  ? 2.513   8.544   0.523   1.00 30.29 ? 15  ASN A CA 1 
ATOM 16  C CA . GLY A 1 16  ? 1.597   7.177   -2.859  1.00 28.72 ? 16  GLY A CA 1 
ATOM 17  C CA . ARG A 1 17  ? 2.446   7.422   -6.542  1.00 31.15 ? 17  ARG A CA 1 
ATOM 18  C CA . ILE A 1 18  ? 0.533   8.259   -9.680  1.00 26.75 ? 18  ILE A CA 1 
ATOM 19  C CA . SER A 1 19  ? 1.394   6.656   -13.006 1.00 32.61 ? 19  SER A CA 1 
ATOM 20  C CA . TYR A 1 20  ? 3.147   8.754   -15.681 1.00 46.29 ? 20  TYR A CA 1 
ATOM 21  C CA . TYR A 1 21  ? 0.771   10.780  -17.871 1.00 44.93 ? 21  TYR A CA 1 
ATOM 22  C CA . SER A 1 22  ? 1.122   13.089  -20.888 1.00 49.17 ? 22  SER A CA 1 
ATOM 23  C CA . THR A 1 23  ? -0.152  16.655  -21.189 1.00 49.40 ? 23  THR A CA 1 
ATOM 24  C CA . PRO A 1 24  ? -2.747  17.851  -21.942 1.00 43.20 ? 24  PRO A CA 1 
ATOM 25  C CA . ILE A 1 25  ? -4.918  15.296  -20.117 1.00 37.29 ? 25  ILE A CA 1 
ATOM 26  C CA . ALA A 1 26  ? -7.425  14.116  -22.764 1.00 30.19 ? 26  ALA A CA 1 
ATOM 27  C CA . VAL A 1 27  ? -10.876 12.639  -22.156 1.00 26.92 ? 27  VAL A CA 1 
ATOM 28  C CA . GLY A 1 28  ? -10.330 8.904   -21.808 1.00 31.93 ? 28  GLY A CA 1 
ATOM 29  C CA . THR A 1 29  ? -6.955  9.184   -20.102 1.00 29.37 ? 29  THR A CA 1 
ATOM 30  C CA . VAL A 1 30  ? -6.545  6.555   -17.320 1.00 29.71 ? 30  VAL A CA 1 
ATOM 31  C CA . ILE A 1 31  ? -4.372  7.353   -14.278 1.00 34.25 ? 31  ILE A CA 1 
ATOM 32  C CA . ARG A 1 32  ? -3.280  4.703   -11.755 1.00 32.43 ? 32  ARG A CA 1 
ATOM 33  C CA . TYR A 1 33  ? -2.567  5.304   -8.059  1.00 31.30 ? 33  TYR A CA 1 
ATOM 34  C CA . SER A 1 34  ? -0.520  3.015   -5.793  1.00 24.95 ? 34  SER A CA 1 
ATOM 35  C CA . CYS A 1 35  ? 0.998   2.990   -2.289  1.00 32.41 ? 35  CYS A CA 1 
ATOM 36  C CA . SER A 1 36  ? 4.408   2.039   -0.821  1.00 56.15 ? 36  SER A CA 1 
ATOM 37  C CA . GLY A 1 37  ? 4.831   -1.363  0.746   1.00 47.70 ? 37  GLY A CA 1 
ATOM 38  C CA . THR A 1 38  ? 3.951   -0.407  4.284   1.00 40.76 ? 38  THR A CA 1 
ATOM 39  C CA . PHE A 1 39  ? 0.844   1.457   3.213   1.00 31.01 ? 39  PHE A CA 1 
ATOM 40  C CA . ARG A 1 40  ? -2.510  0.291   1.961   1.00 29.69 ? 40  ARG A CA 1 
ATOM 41  C CA . LEU A 1 41  ? -4.549  1.805   -0.868  1.00 30.62 ? 41  LEU A CA 1 
ATOM 42  C CA . ILE A 1 42  ? -8.125  2.691   0.115   1.00 27.37 ? 42  ILE A CA 1 
ATOM 43  C CA . GLY A 1 43  ? -10.491 3.219   -2.834  1.00 23.62 ? 43  GLY A CA 1 
ATOM 44  C CA . GLU A 1 44  ? -10.419 2.494   -6.579  1.00 29.50 ? 44  GLU A CA 1 
ATOM 45  C CA . LYS A 1 45  ? -6.861  2.741   -7.965  1.00 32.03 ? 45  LYS A CA 1 
ATOM 46  C CA . SER A 1 46  ? -7.669  4.037   -11.478 1.00 33.61 ? 46  SER A CA 1 
ATOM 47  C CA . LEU A 1 47  ? -9.243  7.344   -12.335 1.00 25.34 ? 47  LEU A CA 1 
ATOM 48  C CA . LEU A 1 48  ? -10.661 8.064   -15.775 1.00 26.17 ? 48  LEU A CA 1 
ATOM 49  C CA . CYS A 1 49  ? -10.791 11.505  -17.382 1.00 22.87 ? 49  CYS A CA 1 
ATOM 50  C CA . ILE A 1 50  ? -14.397 11.857  -18.547 1.00 28.64 ? 50  ILE A CA 1 
ATOM 51  C CA . THR A 1 51  ? -16.807 14.587  -19.651 1.00 27.24 ? 51  THR A CA 1 
ATOM 52  C CA . LYS A 1 52  ? -20.382 14.585  -18.354 1.00 25.65 ? 52  LYS A CA 1 
ATOM 53  C CA . ASP A 1 53  ? -21.593 17.777  -20.103 1.00 29.77 ? 53  ASP A CA 1 
ATOM 54  C CA . LYS A 1 54  ? -19.551 17.527  -23.295 1.00 31.18 ? 54  LYS A CA 1 
ATOM 55  C CA . VAL A 1 55  ? -17.847 20.807  -22.454 1.00 26.37 ? 55  VAL A CA 1 
ATOM 56  C CA . ASP A 1 56  ? -15.644 20.339  -19.382 1.00 26.94 ? 56  ASP A CA 1 
ATOM 57  C CA . GLY A 1 57  ? -13.578 17.323  -18.318 1.00 24.10 ? 57  GLY A CA 1 
ATOM 58  C CA . THR A 1 58  ? -13.547 15.791  -14.804 1.00 20.36 ? 58  THR A CA 1 
ATOM 59  C CA . TRP A 1 59  ? -11.887 12.742  -13.285 1.00 25.54 ? 59  TRP A CA 1 
ATOM 60  C CA . ASP A 1 60  ? -14.634 10.128  -12.828 1.00 25.81 ? 60  ASP A CA 1 
ATOM 61  C CA . LYS A 1 61  ? -13.981 9.621   -9.120  1.00 27.97 ? 61  LYS A CA 1 
ATOM 62  C CA . PRO A 1 62  ? -12.089 11.025  -6.142  1.00 22.11 ? 62  PRO A CA 1 
ATOM 63  C CA . ALA A 1 63  ? -8.478  9.990   -5.754  1.00 26.37 ? 63  ALA A CA 1 
ATOM 64  C CA . PRO A 1 64  ? -7.954  6.978   -3.448  1.00 19.99 ? 64  PRO A CA 1 
ATOM 65  C CA . LYS A 1 65  ? -5.709  7.353   -0.331  1.00 26.90 ? 65  LYS A CA 1 
ATOM 66  C CA . CYS A 1 66  ? -2.736  5.544   1.199   1.00 27.27 ? 66  CYS A CA 1 
ATOM 67  C CA . GLN A 1 67  ? -0.167  5.400   3.698   1.00 0.00  ? 67  GLN A CA 1 
ATOM 68  C CA . TYR A 1 68  ? 3.501   6.285   2.875   1.00 0.00  ? 68  TYR A CA 1 
ATOM 69  C CA . PHE A 1 69  ? 5.897   7.576   5.752   1.00 0.00  ? 69  PHE A CA 1 
ATOM 70  C CA . ASN A 1 70  ? 4.806   5.833   9.077   1.00 0.00  ? 70  ASN A CA 1 
ATOM 71  C CA . LYS A 1 71  ? 3.883   2.078   8.962   1.00 0.00  ? 71  LYS A CA 1 
ATOM 72  C CA . TYR A 1 72  ? 5.842   -1.278  10.036  1.00 0.00  ? 72  TYR A CA 1 
ATOM 73  C CA . SER A 1 73  ? 7.230   -3.799  12.456  1.00 0.00  ? 73  SER A CA 1 
ATOM 74  C CA . SER A 1 74  ? 5.606   -7.064  11.238  1.00 0.00  ? 74  SER A CA 1 
ATOM 75  C CA . CYS A 1 75  ? 4.884   -9.581  8.163   1.00 36.35 ? 75  CYS A CA 1 
ATOM 76  C CA . PRO A 1 76  ? 4.882   -10.162 4.417   1.00 35.61 ? 76  PRO A CA 1 
ATOM 77  C CA . GLU A 1 77  ? 1.610   -10.629 2.594   1.00 36.66 ? 77  GLU A CA 1 
ATOM 78  C CA . PRO A 1 78  ? 0.349   -14.107 3.504   1.00 31.16 ? 78  PRO A CA 1 
ATOM 79  C CA . ILE A 1 79  ? -0.612  -16.012 0.379   1.00 41.40 ? 79  ILE A CA 1 
ATOM 80  C CA . VAL A 1 80  ? -2.644  -19.187 0.125   1.00 38.30 ? 80  VAL A CA 1 
ATOM 81  C CA . PRO A 1 81  ? -2.933  -20.742 -3.343  1.00 40.96 ? 81  PRO A CA 1 
ATOM 82  C CA . GLY A 1 82  ? -6.484  -21.766 -4.029  1.00 36.40 ? 82  GLY A CA 1 
ATOM 83  C CA . GLY A 1 83  ? -7.721  -19.298 -1.410  1.00 39.25 ? 83  GLY A CA 1 
ATOM 84  C CA . TYR A 1 84  ? -8.136  -15.607 -0.506  1.00 33.04 ? 84  TYR A CA 1 
ATOM 85  C CA . LYS A 1 85  ? -8.391  -13.259 2.482   1.00 29.94 ? 85  LYS A CA 1 
ATOM 86  C CA . ILE A 1 86  ? -11.795 -12.534 3.985   1.00 21.30 ? 86  ILE A CA 1 
ATOM 87  C CA . ARG A 1 87  ? -10.403 -10.507 6.851   1.00 25.74 ? 87  ARG A CA 1 
ATOM 88  C CA . GLY A 1 88  ? -7.339  -8.328  7.481   1.00 23.64 ? 88  GLY A CA 1 
ATOM 89  C CA . SER A 1 89  ? -5.229  -6.510  4.842   1.00 34.32 ? 89  SER A CA 1 
ATOM 90  C CA . THR A 1 90  ? -1.910  -4.692  4.430   1.00 29.87 ? 90  THR A CA 1 
ATOM 91  C CA . PRO A 1 91  ? 0.040   -3.345  6.262   1.00 33.13 ? 91  PRO A CA 1 
ATOM 92  C CA . TYR A 1 92  ? 0.630   -6.411  8.463   1.00 29.55 ? 92  TYR A CA 1 
ATOM 93  C CA . ARG A 1 93  ? 1.884   -5.320  11.896  1.00 21.94 ? 93  ARG A CA 1 
ATOM 94  C CA . HIS A 1 94  ? 2.566   -7.025  15.207  1.00 28.69 ? 94  HIS A CA 1 
ATOM 95  C CA . GLY A 1 95  ? -0.588  -8.643  16.555  1.00 20.48 ? 95  GLY A CA 1 
ATOM 96  C CA . ASP A 1 96  ? -2.567  -8.163  13.299  1.00 19.73 ? 96  ASP A CA 1 
ATOM 97  C CA . SER A 1 97  ? -4.601  -11.105 12.158  1.00 27.05 ? 97  SER A CA 1 
ATOM 98  C CA . VAL A 1 98  ? -5.673  -12.467 8.799   1.00 26.56 ? 98  VAL A CA 1 
ATOM 99  C CA . THR A 1 99  ? -8.492  -14.898 8.033   1.00 23.14 ? 99  THR A CA 1 
ATOM 100 C CA . PHE A 1 100 ? -8.602  -16.966 4.801   1.00 27.82 ? 100 PHE A CA 1 
ATOM 101 C CA . ALA A 1 101 ? -11.356 -18.801 2.855   1.00 34.14 ? 101 ALA A CA 1 
ATOM 102 C CA . CYS A 1 102 ? -10.915 -21.262 -0.022  1.00 39.15 ? 102 CYS A CA 1 
ATOM 103 C CA . LYS A 1 103 ? -12.163 -20.505 -3.533  1.00 40.35 ? 103 LYS A CA 1 
ATOM 104 C CA . THR A 1 104 ? -15.031 -22.551 -5.018  1.00 48.55 ? 104 THR A CA 1 
ATOM 105 C CA . ASN A 1 105 ? -14.108 -26.231 -5.570  1.00 48.36 ? 105 ASN A CA 1 
ATOM 106 C CA . PHE A 1 106 ? -11.416 -25.914 -2.912  1.00 44.54 ? 106 PHE A CA 1 
ATOM 107 C CA . SER A 1 107 ? -11.484 -27.139 0.674   1.00 47.47 ? 107 SER A CA 1 
ATOM 108 C CA . MET A 1 108 ? -9.357  -25.857 3.533   1.00 50.16 ? 108 MET A CA 1 
ATOM 109 C CA . ASN A 1 109 ? -6.735  -27.683 5.555   1.00 56.25 ? 109 ASN A CA 1 
ATOM 110 C CA . GLY A 1 110 ? -5.358  -26.199 8.731   1.00 44.02 ? 110 GLY A CA 1 
ATOM 111 C CA . ASN A 1 111 ? -6.353  -23.130 10.715  1.00 47.08 ? 111 ASN A CA 1 
ATOM 112 C CA . LYS A 1 112 ? -8.073  -20.372 8.765   1.00 35.55 ? 112 LYS A CA 1 
ATOM 113 C CA . SER A 1 113 ? -6.616  -17.460 10.804  1.00 31.62 ? 113 SER A CA 1 
ATOM 114 C CA . VAL A 1 114 ? -3.044  -16.386 11.380  1.00 28.12 ? 114 VAL A CA 1 
ATOM 115 C CA . TRP A 1 115 ? -1.349  -13.640 13.413  1.00 21.46 ? 115 TRP A CA 1 
ATOM 116 C CA . CYS A 1 116 ? 1.630   -11.480 12.549  1.00 22.66 ? 116 CYS A CA 1 
ATOM 117 C CA . GLN A 1 117 ? 4.272   -12.378 15.186  1.00 27.53 ? 117 GLN A CA 1 
ATOM 118 C CA . ALA A 1 118 ? 7.138   -10.272 16.577  1.00 32.79 ? 118 ALA A CA 1 
ATOM 119 C CA . ASN A 1 119 ? 9.639   -12.368 14.578  1.00 38.02 ? 119 ASN A CA 1 
ATOM 120 C CA . ASN A 1 120 ? 7.884   -11.126 11.383  1.00 31.01 ? 120 ASN A CA 1 
ATOM 121 C CA . MET A 1 121 ? 6.326   -14.465 10.619  1.00 30.69 ? 121 MET A CA 1 
ATOM 122 C CA . TRP A 1 122 ? 2.741   -15.600 10.518  1.00 32.04 ? 122 TRP A CA 1 
ATOM 123 C CA . GLY A 1 123 ? 0.614   -17.167 13.242  1.00 40.39 ? 123 GLY A CA 1 
ATOM 124 C CA . PRO A 1 124 ? 1.288   -19.879 15.774  1.00 40.69 ? 124 PRO A CA 1 
ATOM 125 C CA . THR A 1 125 ? 0.256   -22.411 13.094  1.00 38.91 ? 125 THR A CA 1 
ATOM 126 C CA . ARG A 1 126 ? 1.319   -22.685 9.467   1.00 46.43 ? 126 ARG A CA 1 
ATOM 127 C CA . LEU A 1 127 ? -0.788  -20.969 6.768   1.00 35.68 ? 127 LEU A CA 1 
ATOM 128 C CA . PRO A 1 128 ? -3.841  -23.004 5.819   1.00 35.47 ? 128 PRO A CA 1 
ATOM 129 C CA . THR A 1 129 ? -3.955  -24.786 2.470   1.00 41.03 ? 129 THR A CA 1 
ATOM 130 C CA . CYS A 1 130 ? -6.728  -25.080 -0.104  1.00 48.44 ? 130 CYS A CA 1 
ATOM 131 C CA . VAL A 1 131 ? -7.131  -28.274 -2.158  1.00 58.11 ? 131 VAL A CA 1 
ATOM 132 C CA . SER A 1 132 ? -9.716  -29.153 -4.870  1.00 63.04 ? 132 SER A CA 1 
ATOM 133 C CA . VAL A 1 133 ? -12.662 -31.678 -5.706  1.00 0.00  ? 133 VAL A CA 1 
ATOM 134 C CA . PHE A 1 134 ? -11.000 -34.149 -3.160  1.00 0.00  ? 134 PHE A CA 1 
ATOM 135 C CA . PRO A 1 135 ? -10.031 -32.546 0.356   1.00 0.00  ? 135 PRO A CA 1 
ATOM 136 C CA . LEU A 1 136 ? -10.850 -35.761 2.730   1.00 0.00  ? 136 LEU A CA 1 
ATOM 137 C CA . GLU A 1 137 ? -7.623  -37.819 3.035   1.00 0.00  ? 137 GLU A CA 1 
ATOM 138 C CA . GLN A 1 138 ? -6.929  -36.360 6.561   1.00 0.00  ? 138 GLN A CA 1 
ATOM 139 C CA . LYS A 1 139 ? -3.610  -34.050 6.772   1.00 0.00  ? 139 LYS A CA 1 
ATOM 140 C CA . LEU A 1 140 ? -2.749  -34.553 9.866   1.00 0.00  ? 140 LEU A CA 1 
ATOM 141 C CA . ILE A 1 141 ? -4.280  -34.958 13.555  1.00 0.00  ? 141 ILE A CA 1 
ATOM 142 C CA . SER A 1 142 ? -3.381  -37.772 16.001  1.00 0.00  ? 142 SER A CA 1 
ATOM 143 C CA . GLU A 1 1   ? -5.512  26.404  -34.411 1.00 0.00  ? 1   GLU A CA 2 
ATOM 144 C CA . ALA A 1 2   ? -7.157  23.588  -32.489 1.00 0.00  ? 2   ALA A CA 2 
ATOM 145 C CA . GLU A 1 3   ? -8.376  22.359  -29.123 1.00 0.00  ? 3   GLU A CA 2 
ATOM 146 C CA . ALA A 1 4   ? -10.025 19.536  -27.195 1.00 43.96 ? 4   ALA A CA 2 
ATOM 147 C CA . ILE A 1 5   ? -11.744 18.648  -23.879 1.00 37.01 ? 5   ILE A CA 2 
ATOM 148 C CA . SER A 1 6   ? -9.284  17.944  -21.042 1.00 26.19 ? 6   SER A CA 2 
ATOM 149 C CA . CYS A 1 7   ? -9.093  17.223  -17.310 1.00 27.29 ? 7   CYS A CA 2 
ATOM 150 C CA . GLY A 1 8   ? -6.910  19.240  -15.004 1.00 23.57 ? 8   GLY A CA 2 
ATOM 151 C CA . SER A 1 9   ? -4.033  17.903  -12.926 1.00 22.23 ? 9   SER A CA 2 
ATOM 152 C CA . PRO A 1 10  ? -5.026  14.672  -11.121 1.00 25.01 ? 10  PRO A CA 2 
ATOM 153 C CA . PRO A 1 11  ? -5.605  14.849  -7.381  1.00 25.28 ? 11  PRO A CA 2 
ATOM 154 C CA . PRO A 1 12  ? -2.380  14.160  -5.412  1.00 32.22 ? 12  PRO A CA 2 
ATOM 155 C CA . ILE A 1 13  ? -1.952  11.199  -3.117  1.00 34.36 ? 13  ILE A CA 2 
ATOM 156 C CA . LEU A 1 14  ? 0.031   11.399  0.084   1.00 34.63 ? 14  LEU A CA 2 
ATOM 157 C CA . ASN A 1 15  ? 2.513   8.544   0.523   1.00 30.29 ? 15  ASN A CA 2 
ATOM 158 C CA . GLY A 1 16  ? 1.597   7.177   -2.859  1.00 28.72 ? 16  GLY A CA 2 
ATOM 159 C CA . ARG A 1 17  ? 2.446   7.422   -6.542  1.00 31.15 ? 17  ARG A CA 2 
ATOM 160 C CA . ILE A 1 18  ? 0.533   8.259   -9.680  1.00 26.75 ? 18  ILE A CA 2 
ATOM 161 C CA . SER A 1 19  ? 1.394   6.656   -13.006 1.00 32.61 ? 19  SER A CA 2 
ATOM 162 C CA . TYR A 1 20  ? 3.147   8.754   -15.681 1.00 46.29 ? 20  TYR A CA 2 
ATOM 163 C CA . TYR A 1 21  ? 0.771   10.780  -17.871 1.00 44.93 ? 21  TYR A CA 2 
ATOM 164 C CA . SER A 1 22  ? 1.122   13.089  -20.888 1.00 49.17 ? 22  SER A CA 2 
ATOM 165 C CA . THR A 1 23  ? -0.152  16.655  -21.189 1.00 49.40 ? 23  THR A CA 2 
ATOM 166 C CA . PRO A 1 24  ? -2.747  17.851  -21.942 1.00 43.20 ? 24  PRO A CA 2 
ATOM 167 C CA . ILE A 1 25  ? -4.918  15.296  -20.117 1.00 37.29 ? 25  ILE A CA 2 
ATOM 168 C CA . ALA A 1 26  ? -7.425  14.116  -22.764 1.00 30.19 ? 26  ALA A CA 2 
ATOM 169 C CA . VAL A 1 27  ? -10.876 12.639  -22.156 1.00 26.92 ? 27  VAL A CA 2 
ATOM 170 C CA . GLY A 1 28  ? -10.330 8.904   -21.808 1.00 31.93 ? 28  GLY A CA 2 
ATOM 171 C CA . THR A 1 29  ? -6.955  9.184   -20.102 1.00 29.37 ? 29  THR A CA 2 
ATOM 172 C CA . VAL A 1 30  ? -6.545  6.555   -17.320 1.00 29.71 ? 30  VAL A CA 2 
ATOM 173 C CA . ILE A 1 31  ? -4.372  7.353   -14.278 1.00 34.25 ? 31  ILE A CA 2 
ATOM 174 C CA . ARG A 1 32  ? -3.280  4.703   -11.755 1.00 32.43 ? 32  ARG A CA 2 
ATOM 175 C CA . TYR A 1 33  ? -2.567  5.304   -8.059  1.00 31.30 ? 33  TYR A CA 2 
ATOM 176 C CA . SER A 1 34  ? -0.520  3.015   -5.793  1.00 24.95 ? 34  SER A CA 2 
ATOM 177 C CA . CYS A 1 35  ? 0.998   2.990   -2.289  1.00 32.41 ? 35  CYS A CA 2 
ATOM 178 C CA . SER A 1 36  ? 4.408   2.039   -0.821  1.00 56.15 ? 36  SER A CA 2 
ATOM 179 C CA . GLY A 1 37  ? 4.831   -1.363  0.746   1.00 47.70 ? 37  GLY A CA 2 
ATOM 180 C CA . THR A 1 38  ? 3.951   -0.407  4.284   1.00 40.76 ? 38  THR A CA 2 
ATOM 181 C CA . PHE A 1 39  ? 0.844   1.457   3.213   1.00 31.01 ? 39  PHE A CA 2 
ATOM 182 C CA . ARG A 1 40  ? -2.510  0.291   1.961   1.00 29.69 ? 40  ARG A CA 2 
ATOM 183 C CA . LEU A 1 41  ? -4.549  1.805   -0.868  1.00 30.62 ? 41  LEU A CA 2 
ATOM 184 C CA . ILE A 1 42  ? -8.125  2.691   0.115   1.00 27.37 ? 42  ILE A CA 2 
ATOM 185 C CA . GLY A 1 43  ? -10.491 3.219   -2.834  1.00 23.62 ? 43  GLY A CA 2 
ATOM 186 C CA . GLU A 1 44  ? -10.419 2.494   -6.579  1.00 29.50 ? 44  GLU A CA 2 
ATOM 187 C CA . LYS A 1 45  ? -6.861  2.741   -7.965  1.00 32.03 ? 45  LYS A CA 2 
ATOM 188 C CA . SER A 1 46  ? -7.669  4.037   -11.478 1.00 33.61 ? 46  SER A CA 2 
ATOM 189 C CA . LEU A 1 47  ? -9.243  7.344   -12.335 1.00 25.34 ? 47  LEU A CA 2 
ATOM 190 C CA . LEU A 1 48  ? -10.661 8.064   -15.775 1.00 26.17 ? 48  LEU A CA 2 
ATOM 191 C CA . CYS A 1 49  ? -10.791 11.505  -17.382 1.00 22.87 ? 49  CYS A CA 2 
ATOM 192 C CA . ILE A 1 50  ? -14.397 11.857  -18.547 1.00 28.64 ? 50  ILE A CA 2 
ATOM 193 C CA . THR A 1 51  ? -16.807 14.587  -19.651 1.00 27.24 ? 51  THR A CA 2 
ATOM 194 C CA . LYS A 1 52  ? -20.382 14.585  -18.354 1.00 25.65 ? 52  LYS A CA 2 
ATOM 195 C CA . ASP A 1 53  ? -21.593 17.777  -20.103 1.00 29.77 ? 53  ASP A CA 2 
ATOM 196 C CA . LYS A 1 54  ? -19.551 17.527  -23.295 1.00 31.18 ? 54  LYS A CA 2 
ATOM 197 C CA . VAL A 1 55  ? -17.847 20.807  -22.454 1.00 26.37 ? 55  VAL A CA 2 
ATOM 198 C CA . ASP A 1 56  ? -15.644 20.339  -19.382 1.00 26.94 ? 56  ASP A CA 2 
ATOM 199 C CA . GLY A 1 57  ? -13.578 17.323  -18.318 1.00 24.10 ? 57  GLY A CA 2 
ATOM 200 C CA . THR A 1 58  ? -13.547 15.791  -14.804 1.00 20.36 ? 58  THR A CA 2 
ATOM 201 C CA . TRP A 1 59  ? -11.887 12.742  -13.285 1.00 25.54 ? 59  TRP A CA 2 
ATOM 202 C CA . ASP A 1 60  ? -14.634 10.128  -12.828 1.00 25.81 ? 60  ASP A CA 2 
ATOM 203 C CA . LYS A 1 61  ? -13.981 9.621   -9.120  1.00 27.97 ? 61  LYS A CA 2 
ATOM 204 C CA . PRO A 1 62  ? -12.089 11.025  -6.142  1.00 22.11 ? 62  PRO A CA 2 
ATOM 205 C CA . ALA A 1 63  ? -8.478  9.990   -5.754  1.00 26.37 ? 63  ALA A CA 2 
ATOM 206 C CA . PRO A 1 64  ? -7.954  6.978   -3.448  1.00 19.99 ? 64  PRO A CA 2 
ATOM 207 C CA . LYS A 1 65  ? -5.709  7.353   -0.331  1.00 26.90 ? 65  LYS A CA 2 
ATOM 208 C CA . CYS A 1 66  ? -2.736  5.544   1.199   1.00 27.27 ? 66  CYS A CA 2 
ATOM 209 C CA . GLN A 1 67  ? -0.937  4.982   4.587   1.00 0.00  ? 67  GLN A CA 2 
ATOM 210 C CA . TYR A 1 68  ? 2.869   5.813   3.567   1.00 0.00  ? 68  TYR A CA 2 
ATOM 211 C CA . PHE A 1 69  ? 5.808   7.607   5.711   1.00 0.00  ? 69  PHE A CA 2 
ATOM 212 C CA . ASN A 1 70  ? 5.020   7.256   9.519   1.00 0.00  ? 70  ASN A CA 2 
ATOM 213 C CA . LYS A 1 71  ? 4.397   3.828   11.413  1.00 0.00  ? 71  LYS A CA 2 
ATOM 214 C CA . TYR A 1 72  ? 7.218   1.522   12.896  1.00 0.00  ? 72  TYR A CA 2 
ATOM 215 C CA . SER A 1 73  ? 7.781   -1.684  15.102  1.00 0.00  ? 73  SER A CA 2 
ATOM 216 C CA . SER A 1 74  ? 4.888   -4.396  14.798  1.00 0.00  ? 74  SER A CA 2 
ATOM 217 C CA . CYS A 1 75  ? 4.267   -7.852  12.793  1.00 36.35 ? 75  CYS A CA 2 
ATOM 218 C CA . PRO A 1 76  ? 5.263   -9.711  9.643   1.00 35.61 ? 76  PRO A CA 2 
ATOM 219 C CA . GLU A 1 77  ? 2.923   -9.769  6.682   1.00 36.66 ? 77  GLU A CA 2 
ATOM 220 C CA . PRO A 1 78  ? 0.068   -12.118 7.601   1.00 31.16 ? 78  PRO A CA 2 
ATOM 221 C CA . ILE A 1 79  ? -0.517  -14.623 4.827   1.00 41.40 ? 79  ILE A CA 2 
ATOM 222 C CA . VAL A 1 80  ? -3.501  -16.884 4.328   1.00 38.30 ? 80  VAL A CA 2 
ATOM 223 C CA . PRO A 1 81  ? -3.256  -19.412 1.486   1.00 40.96 ? 81  PRO A CA 2 
ATOM 224 C CA . GLY A 1 82  ? -6.448  -19.466 -0.499  1.00 36.40 ? 82  GLY A CA 2 
ATOM 225 C CA . GLY A 1 83  ? -7.299  -15.970 0.739   1.00 39.25 ? 83  GLY A CA 2 
ATOM 226 C CA . TYR A 1 84  ? -6.362  -12.265 0.606   1.00 33.04 ? 84  TYR A CA 2 
ATOM 227 C CA . LYS A 1 85  ? -6.564  -9.045  2.629   1.00 29.94 ? 85  LYS A CA 2 
ATOM 228 C CA . ILE A 1 86  ? -9.610  -6.818  2.271   1.00 21.30 ? 86  ILE A CA 2 
ATOM 229 C CA . ARG A 1 87  ? -8.525  -4.429  4.988   1.00 25.74 ? 87  ARG A CA 2 
ATOM 230 C CA . GLY A 1 88  ? -5.227  -3.228  6.474   1.00 23.64 ? 88  GLY A CA 2 
ATOM 231 C CA . SER A 1 89  ? -1.797  -3.225  4.757   1.00 34.32 ? 89  SER A CA 2 
ATOM 232 C CA . THR A 1 90  ? 1.907   -2.796  5.524   1.00 29.87 ? 90  THR A CA 2 
ATOM 233 C CA . PRO A 1 91  ? 3.512   -1.551  7.725   1.00 33.13 ? 91  PRO A CA 2 
ATOM 234 C CA . TYR A 1 92  ? 1.958   -3.642  10.519  1.00 29.55 ? 92  TYR A CA 2 
ATOM 235 C CA . ARG A 1 93  ? 2.335   -1.833  13.855  1.00 21.94 ? 93  ARG A CA 2 
ATOM 236 C CA . HIS A 1 94  ? 1.072   -2.355  17.386  1.00 28.69 ? 94  HIS A CA 2 
ATOM 237 C CA . GLY A 1 95  ? -2.719  -2.322  17.471  1.00 20.48 ? 95  GLY A CA 2 
ATOM 238 C CA . ASP A 1 96  ? -3.089  -2.462  13.651  1.00 19.73 ? 96  ASP A CA 2 
ATOM 239 C CA . SER A 1 97  ? -5.680  -4.837  12.332  1.00 27.05 ? 97  SER A CA 2 
ATOM 240 C CA . VAL A 1 98  ? -6.046  -6.913  9.194   1.00 26.56 ? 98  VAL A CA 2 
ATOM 241 C CA . THR A 1 99  ? -9.202  -8.461  7.748   1.00 23.14 ? 99  THR A CA 2 
ATOM 242 C CA . PHE A 1 100 ? -9.106  -11.411 5.293   1.00 27.82 ? 100 PHE A CA 2 
ATOM 243 C CA . ALA A 1 101 ? -11.558 -12.879 2.729   1.00 34.14 ? 101 ALA A CA 2 
ATOM 244 C CA . CYS A 1 102 ? -11.285 -16.216 0.909   1.00 39.15 ? 102 CYS A CA 2 
ATOM 245 C CA . LYS A 1 103 ? -10.839 -16.427 -2.861  1.00 40.35 ? 103 LYS A CA 2 
ATOM 246 C CA . THR A 1 104 ? -13.630 -17.880 -5.032  1.00 48.55 ? 104 THR A CA 2 
ATOM 247 C CA . ASN A 1 105 ? -14.252 -21.604 -4.367  1.00 48.36 ? 105 ASN A CA 2 
ATOM 248 C CA . PHE A 1 106 ? -12.742 -21.198 -0.908  1.00 44.54 ? 106 PHE A CA 2 
ATOM 249 C CA . SER A 1 107 ? -14.520 -20.967 2.431   1.00 47.47 ? 107 SER A CA 2 
ATOM 250 C CA . MET A 1 108 ? -13.137 -19.465 5.621   1.00 50.16 ? 108 MET A CA 2 
ATOM 251 C CA . ASN A 1 109 ? -12.394 -21.155 8.921   1.00 56.25 ? 109 ASN A CA 2 
ATOM 252 C CA . GLY A 1 110 ? -11.658 -19.130 12.011  1.00 44.02 ? 110 GLY A CA 2 
ATOM 253 C CA . ASN A 1 111 ? -11.835 -15.407 12.683  1.00 47.08 ? 111 ASN A CA 2 
ATOM 254 C CA . LYS A 1 112 ? -11.446 -13.148 9.664   1.00 35.55 ? 112 LYS A CA 2 
ATOM 255 C CA . SER A 1 113 ? -9.651  -10.300 11.513  1.00 31.62 ? 113 SER A CA 2 
ATOM 256 C CA . VAL A 1 114 ? -6.383  -10.248 13.402  1.00 28.12 ? 114 VAL A CA 2 
ATOM 257 C CA . TRP A 1 115 ? -4.458  -7.620  15.387  1.00 21.46 ? 115 TRP A CA 2 
ATOM 258 C CA . CYS A 1 116 ? -0.742  -6.946  15.537  1.00 22.66 ? 116 CYS A CA 2 
ATOM 259 C CA . GLN A 1 117 ? 0.211   -7.603  19.198  1.00 27.53 ? 117 GLN A CA 2 
ATOM 260 C CA . ALA A 1 118 ? 3.058   -6.130  21.274  1.00 32.79 ? 118 ALA A CA 2 
ATOM 261 C CA . ASN A 1 119 ? 4.923   -9.465  21.069  1.00 38.02 ? 119 ASN A CA 2 
ATOM 262 C CA . ASN A 1 120 ? 5.048   -8.980  17.251  1.00 31.01 ? 120 ASN A CA 2 
ATOM 263 C CA . MET A 1 121 ? 2.560   -11.716 16.552  1.00 30.69 ? 121 MET A CA 2 
ATOM 264 C CA . TRP A 1 122 ? -0.903  -11.646 15.085  1.00 32.04 ? 122 TRP A CA 2 
ATOM 265 C CA . GLY A 1 123 ? -4.268  -11.392 16.819  1.00 40.39 ? 123 GLY A CA 2 
ATOM 266 C CA . PRO A 1 124 ? -5.711  -13.078 19.869  1.00 40.69 ? 124 PRO A CA 2 
ATOM 267 C CA . THR A 1 125 ? -6.773  -15.955 17.575  1.00 38.91 ? 125 THR A CA 2 
ATOM 268 C CA . ARG A 1 126 ? -4.789  -17.827 14.942  1.00 46.43 ? 126 ARG A CA 2 
ATOM 269 C CA . LEU A 1 127 ? -4.921  -16.636 11.305  1.00 35.68 ? 127 LEU A CA 2 
ATOM 270 C CA . PRO A 1 128 ? -8.042  -17.829 9.517   1.00 35.47 ? 128 PRO A CA 2 
ATOM 271 C CA . THR A 1 129 ? -7.789  -20.568 6.900   1.00 41.03 ? 129 THR A CA 2 
ATOM 272 C CA . CYS A 1 130 ? -9.385  -20.898 3.474   1.00 48.44 ? 130 CYS A CA 2 
ATOM 273 C CA . VAL A 1 131 ? -10.410 -24.326 2.139   1.00 58.11 ? 131 VAL A CA 2 
ATOM 274 C CA . SER A 1 132 ? -12.055 -25.279 -1.208  1.00 63.04 ? 132 SER A CA 2 
ATOM 275 C CA . VAL A 1 133 ? -14.760 -27.932 -0.389  1.00 0.00  ? 133 VAL A CA 2 
ATOM 276 C CA . PHE A 1 134 ? -14.982 -30.661 2.488   1.00 0.00  ? 134 PHE A CA 2 
ATOM 277 C CA . PRO A 1 135 ? -12.110 -32.471 4.376   1.00 0.00  ? 135 PRO A CA 2 
ATOM 278 C CA . LEU A 1 136 ? -12.030 -36.257 4.118   1.00 0.00  ? 136 LEU A CA 2 
ATOM 279 C CA . GLU A 1 137 ? -15.007 -37.464 6.708   1.00 0.00  ? 137 GLU A CA 2 
ATOM 280 C CA . GLN A 1 138 ? -17.164 -40.458 5.701   1.00 0.00  ? 138 GLN A CA 2 
ATOM 281 C CA . LYS A 1 139 ? -18.656 -42.480 8.726   1.00 0.00  ? 139 LYS A CA 2 
ATOM 282 C CA . LEU A 1 140 ? -21.187 -44.674 6.643   1.00 0.00  ? 140 LEU A CA 2 
ATOM 283 C CA . ILE A 1 141 ? -21.743 -48.345 5.841   1.00 0.00  ? 141 ILE A CA 2 
ATOM 284 C CA . SER A 1 142 ? -20.653 -48.003 1.968   1.00 0.00  ? 142 SER A CA 2 
ATOM 285 C CA . GLU A 1 1   ? -5.512  26.404  -34.411 1.00 0.00  ? 1   GLU A CA 3 
ATOM 286 C CA . ALA A 1 2   ? -7.157  23.588  -32.489 1.00 0.00  ? 2   ALA A CA 3 
ATOM 287 C CA . GLU A 1 3   ? -8.376  22.359  -29.123 1.00 0.00  ? 3   GLU A CA 3 
ATOM 288 C CA . ALA A 1 4   ? -10.025 19.536  -27.195 1.00 43.96 ? 4   ALA A CA 3 
ATOM 289 C CA . ILE A 1 5   ? -11.744 18.648  -23.879 1.00 37.01 ? 5   ILE A CA 3 
ATOM 290 C CA . SER A 1 6   ? -9.284  17.944  -21.042 1.00 26.19 ? 6   SER A CA 3 
ATOM 291 C CA . CYS A 1 7   ? -9.093  17.223  -17.310 1.00 27.29 ? 7   CYS A CA 3 
ATOM 292 C CA . GLY A 1 8   ? -6.910  19.240  -15.004 1.00 23.57 ? 8   GLY A CA 3 
ATOM 293 C CA . SER A 1 9   ? -4.033  17.903  -12.926 1.00 22.23 ? 9   SER A CA 3 
ATOM 294 C CA . PRO A 1 10  ? -5.026  14.672  -11.121 1.00 25.01 ? 10  PRO A CA 3 
ATOM 295 C CA . PRO A 1 11  ? -5.605  14.849  -7.381  1.00 25.28 ? 11  PRO A CA 3 
ATOM 296 C CA . PRO A 1 12  ? -2.380  14.160  -5.412  1.00 32.22 ? 12  PRO A CA 3 
ATOM 297 C CA . ILE A 1 13  ? -1.952  11.199  -3.117  1.00 34.36 ? 13  ILE A CA 3 
ATOM 298 C CA . LEU A 1 14  ? 0.031   11.399  0.084   1.00 34.63 ? 14  LEU A CA 3 
ATOM 299 C CA . ASN A 1 15  ? 2.513   8.544   0.523   1.00 30.29 ? 15  ASN A CA 3 
ATOM 300 C CA . GLY A 1 16  ? 1.597   7.177   -2.859  1.00 28.72 ? 16  GLY A CA 3 
ATOM 301 C CA . ARG A 1 17  ? 2.446   7.422   -6.542  1.00 31.15 ? 17  ARG A CA 3 
ATOM 302 C CA . ILE A 1 18  ? 0.533   8.259   -9.680  1.00 26.75 ? 18  ILE A CA 3 
ATOM 303 C CA . SER A 1 19  ? 1.394   6.656   -13.006 1.00 32.61 ? 19  SER A CA 3 
ATOM 304 C CA . TYR A 1 20  ? 3.147   8.754   -15.681 1.00 46.29 ? 20  TYR A CA 3 
ATOM 305 C CA . TYR A 1 21  ? 0.771   10.780  -17.871 1.00 44.93 ? 21  TYR A CA 3 
ATOM 306 C CA . SER A 1 22  ? 1.122   13.089  -20.888 1.00 49.17 ? 22  SER A CA 3 
ATOM 307 C CA . THR A 1 23  ? -0.152  16.655  -21.189 1.00 49.40 ? 23  THR A CA 3 
ATOM 308 C CA . PRO A 1 24  ? -2.747  17.851  -21.942 1.00 43.20 ? 24  PRO A CA 3 
ATOM 309 C CA . ILE A 1 25  ? -4.918  15.296  -20.117 1.00 37.29 ? 25  ILE A CA 3 
ATOM 310 C CA . ALA A 1 26  ? -7.425  14.116  -22.764 1.00 30.19 ? 26  ALA A CA 3 
ATOM 311 C CA . VAL A 1 27  ? -10.876 12.639  -22.156 1.00 26.92 ? 27  VAL A CA 3 
ATOM 312 C CA . GLY A 1 28  ? -10.330 8.904   -21.808 1.00 31.93 ? 28  GLY A CA 3 
ATOM 313 C CA . THR A 1 29  ? -6.955  9.184   -20.102 1.00 29.37 ? 29  THR A CA 3 
ATOM 314 C CA . VAL A 1 30  ? -6.545  6.555   -17.320 1.00 29.71 ? 30  VAL A CA 3 
ATOM 315 C CA . ILE A 1 31  ? -4.372  7.353   -14.278 1.00 34.25 ? 31  ILE A CA 3 
ATOM 316 C CA . ARG A 1 32  ? -3.280  4.703   -11.755 1.00 32.43 ? 32  ARG A CA 3 
ATOM 317 C CA . TYR A 1 33  ? -2.567  5.304   -8.059  1.00 31.30 ? 33  TYR A CA 3 
ATOM 318 C CA . SER A 1 34  ? -0.520  3.015   -5.793  1.00 24.95 ? 34  SER A CA 3 
ATOM 319 C CA . CYS A 1 35  ? 0.998   2.990   -2.289  1.00 32.41 ? 35  CYS A CA 3 
ATOM 320 C CA . SER A 1 36  ? 4.408   2.039   -0.821  1.00 56.15 ? 36  SER A CA 3 
ATOM 321 C CA . GLY A 1 37  ? 4.831   -1.363  0.746   1.00 47.70 ? 37  GLY A CA 3 
ATOM 322 C CA . THR A 1 38  ? 3.951   -0.407  4.284   1.00 40.76 ? 38  THR A CA 3 
ATOM 323 C CA . PHE A 1 39  ? 0.844   1.457   3.213   1.00 31.01 ? 39  PHE A CA 3 
ATOM 324 C CA . ARG A 1 40  ? -2.510  0.291   1.961   1.00 29.69 ? 40  ARG A CA 3 
ATOM 325 C CA . LEU A 1 41  ? -4.549  1.805   -0.868  1.00 30.62 ? 41  LEU A CA 3 
ATOM 326 C CA . ILE A 1 42  ? -8.125  2.691   0.115   1.00 27.37 ? 42  ILE A CA 3 
ATOM 327 C CA . GLY A 1 43  ? -10.491 3.219   -2.834  1.00 23.62 ? 43  GLY A CA 3 
ATOM 328 C CA . GLU A 1 44  ? -10.419 2.494   -6.579  1.00 29.50 ? 44  GLU A CA 3 
ATOM 329 C CA . LYS A 1 45  ? -6.861  2.741   -7.965  1.00 32.03 ? 45  LYS A CA 3 
ATOM 330 C CA . SER A 1 46  ? -7.669  4.037   -11.478 1.00 33.61 ? 46  SER A CA 3 
ATOM 331 C CA . LEU A 1 47  ? -9.243  7.344   -12.335 1.00 25.34 ? 47  LEU A CA 3 
ATOM 332 C CA . LEU A 1 48  ? -10.661 8.064   -15.775 1.00 26.17 ? 48  LEU A CA 3 
ATOM 333 C CA . CYS A 1 49  ? -10.791 11.505  -17.382 1.00 22.87 ? 49  CYS A CA 3 
ATOM 334 C CA . ILE A 1 50  ? -14.397 11.857  -18.547 1.00 28.64 ? 50  ILE A CA 3 
ATOM 335 C CA . THR A 1 51  ? -16.807 14.587  -19.651 1.00 27.24 ? 51  THR A CA 3 
ATOM 336 C CA . LYS A 1 52  ? -20.382 14.585  -18.354 1.00 25.65 ? 52  LYS A CA 3 
ATOM 337 C CA . ASP A 1 53  ? -21.593 17.777  -20.103 1.00 29.77 ? 53  ASP A CA 3 
ATOM 338 C CA . LYS A 1 54  ? -19.551 17.527  -23.295 1.00 31.18 ? 54  LYS A CA 3 
ATOM 339 C CA . VAL A 1 55  ? -17.847 20.807  -22.454 1.00 26.37 ? 55  VAL A CA 3 
ATOM 340 C CA . ASP A 1 56  ? -15.644 20.339  -19.382 1.00 26.94 ? 56  ASP A CA 3 
ATOM 341 C CA . GLY A 1 57  ? -13.578 17.323  -18.318 1.00 24.10 ? 57  GLY A CA 3 
ATOM 342 C CA . THR A 1 58  ? -13.547 15.791  -14.804 1.00 20.36 ? 58  THR A CA 3 
ATOM 343 C CA . TRP A 1 59  ? -11.887 12.742  -13.285 1.00 25.54 ? 59  TRP A CA 3 
ATOM 344 C CA . ASP A 1 60  ? -14.634 10.128  -12.828 1.00 25.81 ? 60  ASP A CA 3 
ATOM 345 C CA . LYS A 1 61  ? -13.981 9.621   -9.120  1.00 27.97 ? 61  LYS A CA 3 
ATOM 346 C CA . PRO A 1 62  ? -12.089 11.025  -6.142  1.00 22.11 ? 62  PRO A CA 3 
ATOM 347 C CA . ALA A 1 63  ? -8.478  9.990   -5.754  1.00 26.37 ? 63  ALA A CA 3 
ATOM 348 C CA . PRO A 1 64  ? -7.954  6.978   -3.448  1.00 19.99 ? 64  PRO A CA 3 
ATOM 349 C CA . LYS A 1 65  ? -5.709  7.353   -0.331  1.00 26.90 ? 65  LYS A CA 3 
ATOM 350 C CA . CYS A 1 66  ? -2.736  5.544   1.199   1.00 27.27 ? 66  CYS A CA 3 
ATOM 351 C CA . GLN A 1 67  ? -3.292  4.751   5.023   1.00 0.00  ? 67  GLN A CA 3 
ATOM 352 C CA . TYR A 1 68  ? 0.283   3.820   6.357   1.00 0.00  ? 68  TYR A CA 3 
ATOM 353 C CA . PHE A 1 69  ? -0.295  1.937   9.742   1.00 0.00  ? 69  PHE A CA 3 
ATOM 354 C CA . ASN A 1 70  ? -1.857  -1.620  9.327   1.00 0.00  ? 70  ASN A CA 3 
ATOM 355 C CA . LYS A 1 71  ? 0.525   -4.449  10.545  1.00 0.00  ? 71  LYS A CA 3 
ATOM 356 C CA . TYR A 1 72  ? 1.031   -5.425  14.411  1.00 0.00  ? 72  TYR A CA 3 
ATOM 357 C CA . SER A 1 73  ? 1.559   -9.023  15.531  1.00 0.00  ? 73  SER A CA 3 
ATOM 358 C CA . SER A 1 74  ? 1.852   -10.893 12.270  1.00 0.00  ? 74  SER A CA 3 
ATOM 359 C CA . CYS A 1 75  ? 4.669   -9.283  10.244  1.00 36.35 ? 75  CYS A CA 3 
ATOM 360 C CA . PRO A 1 76  ? 4.612   -7.200  7.076   1.00 35.61 ? 76  PRO A CA 3 
ATOM 361 C CA . GLU A 1 77  ? 7.536   -7.334  4.692   1.00 36.66 ? 77  GLU A CA 3 
ATOM 362 C CA . PRO A 1 78  ? 10.373  -5.404  6.345   1.00 31.16 ? 78  PRO A CA 3 
ATOM 363 C CA . ILE A 1 79  ? 11.840  -2.895  3.923   1.00 41.40 ? 79  ILE A CA 3 
ATOM 364 C CA . VAL A 1 80  ? 15.104  -1.016  4.215   1.00 38.30 ? 80  VAL A CA 3 
ATOM 365 C CA . PRO A 1 81  ? 15.785  1.623   1.551   1.00 40.96 ? 81  PRO A CA 3 
ATOM 366 C CA . GLY A 1 82  ? 19.319  1.341   0.299   1.00 36.40 ? 82  GLY A CA 3 
ATOM 367 C CA . GLY A 1 83  ? 19.464  -2.277  1.469   1.00 39.25 ? 83  GLY A CA 3 
ATOM 368 C CA . TYR A 1 84  ? 18.155  -5.825  0.908   1.00 33.04 ? 84  TYR A CA 3 
ATOM 369 C CA . LYS A 1 85  ? 17.529  -9.115  2.719   1.00 29.94 ? 85  LYS A CA 3 
ATOM 370 C CA . ILE A 1 86  ? 20.299  -11.698 2.880   1.00 21.30 ? 86  ILE A CA 3 
ATOM 371 C CA . ARG A 1 87  ? 18.373  -14.025 5.147   1.00 25.74 ? 87  ARG A CA 3 
ATOM 372 C CA . GLY A 1 88  ? 14.713  -14.849 5.818   1.00 23.64 ? 88  GLY A CA 3 
ATOM 373 C CA . SER A 1 89  ? 11.766  -14.352 3.411   1.00 34.32 ? 89  SER A CA 3 
ATOM 374 C CA . THR A 1 90  ? 7.960   -14.334 3.341   1.00 29.87 ? 90  THR A CA 3 
ATOM 375 C CA . PRO A 1 91  ? 5.777   -15.443 5.067   1.00 33.13 ? 91  PRO A CA 3 
ATOM 376 C CA . TYR A 1 92  ? 6.914   -13.668 8.254   1.00 29.55 ? 92  TYR A CA 3 
ATOM 377 C CA . ARG A 1 93  ? 5.605   -15.533 11.312  1.00 21.94 ? 93  ARG A CA 3 
ATOM 378 C CA . HIS A 1 94  ? 6.114   -15.304 15.058  1.00 28.69 ? 94  HIS A CA 3 
ATOM 379 C CA . GLY A 1 95  ? 9.765   -15.822 15.947  1.00 20.48 ? 95  GLY A CA 3 
ATOM 380 C CA . ASP A 1 96  ? 10.978  -15.594 12.310  1.00 19.73 ? 96  ASP A CA 3 
ATOM 381 C CA . SER A 1 97  ? 14.054  -13.523 11.726  1.00 27.05 ? 97  SER A CA 3 
ATOM 382 C CA . VAL A 1 98  ? 15.339  -11.399 8.876   1.00 26.56 ? 98  VAL A CA 3 
ATOM 383 C CA . THR A 1 99  ? 18.893  -10.214 8.237   1.00 23.14 ? 99  THR A CA 3 
ATOM 384 C CA . PHE A 1 100 ? 19.683  -7.190  6.009   1.00 27.82 ? 100 PHE A CA 3 
ATOM 385 C CA . ALA A 1 101 ? 22.791  -5.955  4.123   1.00 34.14 ? 101 ALA A CA 3 
ATOM 386 C CA . CYS A 1 102 ? 23.316  -2.547  2.500   1.00 39.15 ? 102 CYS A CA 3 
ATOM 387 C CA . LYS A 1 103 ? 23.736  -2.146  -1.257  1.00 40.35 ? 103 LYS A CA 3 
ATOM 388 C CA . THR A 1 104 ? 27.086  -0.983  -2.687  1.00 48.55 ? 104 THR A CA 3 
ATOM 389 C CA . ASN A 1 105 ? 27.977  2.606   -1.673  1.00 48.36 ? 105 ASN A CA 3 
ATOM 390 C CA . PHE A 1 106 ? 25.706  2.271   1.353   1.00 44.54 ? 106 PHE A CA 3 
ATOM 391 C CA . SER A 1 107 ? 26.669  1.695   4.973   1.00 47.47 ? 107 SER A CA 3 
ATOM 392 C CA . MET A 1 108 ? 24.455  0.268   7.693   1.00 50.16 ? 108 MET A CA 3 
ATOM 393 C CA . ASN A 1 109 ? 23.207  1.919   10.859  1.00 56.25 ? 109 ASN A CA 3 
ATOM 394 C CA . GLY A 1 110 ? 21.581  -0.107  13.587  1.00 44.02 ? 110 GLY A CA 3 
ATOM 395 C CA . ASN A 1 111 ? 21.171  -3.843  14.047  1.00 47.08 ? 111 ASN A CA 3 
ATOM 396 C CA . LYS A 1 112 ? 21.193  -5.924  10.878  1.00 35.55 ? 112 LYS A CA 3 
ATOM 397 C CA . SER A 1 113 ? 18.716  -8.585  12.119  1.00 31.62 ? 113 SER A CA 3 
ATOM 398 C CA . VAL A 1 114 ? 15.130  -8.288  13.259  1.00 28.12 ? 114 VAL A CA 3 
ATOM 399 C CA . TRP A 1 115 ? 12.523  -10.718 14.619  1.00 21.46 ? 115 TRP A CA 3 
ATOM 400 C CA . CYS A 1 116 ? 8.812   -10.918 13.929  1.00 22.66 ? 116 CYS A CA 3 
ATOM 401 C CA . GLN A 1 117 ? 7.163   -10.277 17.337  1.00 27.53 ? 117 GLN A CA 3 
ATOM 402 C CA . ALA A 1 118 ? 3.778   -11.449 18.662  1.00 32.79 ? 118 ALA A CA 3 
ATOM 403 C CA . ASN A 1 119 ? 2.404   -7.898  18.273  1.00 38.02 ? 119 ASN A CA 3 
ATOM 404 C CA . ASN A 1 120 ? 3.065   -8.225  14.493  1.00 31.01 ? 120 ASN A CA 3 
ATOM 405 C CA . MET A 1 121 ? 5.946   -5.806  14.515  1.00 30.69 ? 121 MET A CA 3 
ATOM 406 C CA . TRP A 1 122 ? 9.616   -6.263  13.819  1.00 32.04 ? 122 TRP A CA 3 
ATOM 407 C CA . GLY A 1 123 ? 12.465  -7.006  16.211  1.00 40.39 ? 123 GLY A CA 3 
ATOM 408 C CA . PRO A 1 124 ? 13.391  -5.628  19.599  1.00 40.69 ? 124 PRO A CA 3 
ATOM 409 C CA . THR A 1 125 ? 15.258  -2.830  17.769  1.00 38.91 ? 125 THR A CA 3 
ATOM 410 C CA . ARG A 1 126 ? 14.132  -0.627  14.898  1.00 46.43 ? 126 ARG A CA 3 
ATOM 411 C CA . LEU A 1 127 ? 14.920  -1.693  11.305  1.00 35.68 ? 127 LEU A CA 3 
ATOM 412 C CA . PRO A 1 128 ? 18.474  -0.844  10.302  1.00 35.47 ? 128 PRO A CA 3 
ATOM 413 C CA . THR A 1 129 ? 19.122  1.997   7.869   1.00 41.03 ? 129 THR A CA 3 
ATOM 414 C CA . CYS A 1 130 ? 21.458  2.243   4.890   1.00 48.44 ? 130 CYS A CA 3 
ATOM 415 C CA . VAL A 1 131 ? 23.144  5.559   4.022   1.00 58.11 ? 131 VAL A CA 3 
ATOM 416 C CA . SER A 1 132 ? 25.583  6.415   1.169   1.00 63.04 ? 132 SER A CA 3 
ATOM 417 C CA . VAL A 1 133 ? 28.273  8.512   3.139   1.00 0.00  ? 133 VAL A CA 3 
ATOM 418 C CA . PHE A 1 134 ? 30.411  6.240   5.572   1.00 0.00  ? 134 PHE A CA 3 
ATOM 419 C CA . PRO A 1 135 ? 28.114  2.983   5.372   1.00 0.00  ? 135 PRO A CA 3 
ATOM 420 C CA . LEU A 1 136 ? 30.100  0.894   7.769   1.00 0.00  ? 136 LEU A CA 3 
ATOM 421 C CA . GLU A 1 137 ? 28.395  1.495   11.421  1.00 0.00  ? 137 GLU A CA 3 
ATOM 422 C CA . GLN A 1 138 ? 25.413  -0.800  12.337  1.00 0.00  ? 138 GLN A CA 3 
ATOM 423 C CA . LYS A 1 139 ? 25.632  -0.250  16.091  1.00 0.00  ? 139 LYS A CA 3 
ATOM 424 C CA . LEU A 1 140 ? 26.518  3.296   17.714  1.00 0.00  ? 140 LEU A CA 3 
ATOM 425 C CA . ILE A 1 141 ? 25.247  6.102   15.568  1.00 0.00  ? 141 ILE A CA 3 
ATOM 426 C CA . SER A 1 142 ? 27.960  8.832   15.009  1.00 0.00  ? 142 SER A CA 3 
ATOM 427 C CA . GLU A 1 1   ? -5.512  26.404  -34.411 1.00 0.00  ? 1   GLU A CA 4 
ATOM 428 C CA . ALA A 1 2   ? -7.157  23.588  -32.489 1.00 0.00  ? 2   ALA A CA 4 
ATOM 429 C CA . GLU A 1 3   ? -8.376  22.359  -29.123 1.00 0.00  ? 3   GLU A CA 4 
ATOM 430 C CA . ALA A 1 4   ? -10.025 19.536  -27.195 1.00 43.96 ? 4   ALA A CA 4 
ATOM 431 C CA . ILE A 1 5   ? -11.744 18.648  -23.879 1.00 37.01 ? 5   ILE A CA 4 
ATOM 432 C CA . SER A 1 6   ? -9.284  17.944  -21.042 1.00 26.19 ? 6   SER A CA 4 
ATOM 433 C CA . CYS A 1 7   ? -9.093  17.223  -17.310 1.00 27.29 ? 7   CYS A CA 4 
ATOM 434 C CA . GLY A 1 8   ? -6.910  19.240  -15.004 1.00 23.57 ? 8   GLY A CA 4 
ATOM 435 C CA . SER A 1 9   ? -4.033  17.903  -12.926 1.00 22.23 ? 9   SER A CA 4 
ATOM 436 C CA . PRO A 1 10  ? -5.026  14.672  -11.121 1.00 25.01 ? 10  PRO A CA 4 
ATOM 437 C CA . PRO A 1 11  ? -5.605  14.849  -7.381  1.00 25.28 ? 11  PRO A CA 4 
ATOM 438 C CA . PRO A 1 12  ? -2.380  14.160  -5.412  1.00 32.22 ? 12  PRO A CA 4 
ATOM 439 C CA . ILE A 1 13  ? -1.952  11.199  -3.117  1.00 34.36 ? 13  ILE A CA 4 
ATOM 440 C CA . LEU A 1 14  ? 0.031   11.399  0.084   1.00 34.63 ? 14  LEU A CA 4 
ATOM 441 C CA . ASN A 1 15  ? 2.513   8.544   0.523   1.00 30.29 ? 15  ASN A CA 4 
ATOM 442 C CA . GLY A 1 16  ? 1.597   7.177   -2.859  1.00 28.72 ? 16  GLY A CA 4 
ATOM 443 C CA . ARG A 1 17  ? 2.446   7.422   -6.542  1.00 31.15 ? 17  ARG A CA 4 
ATOM 444 C CA . ILE A 1 18  ? 0.533   8.259   -9.680  1.00 26.75 ? 18  ILE A CA 4 
ATOM 445 C CA . SER A 1 19  ? 1.394   6.656   -13.006 1.00 32.61 ? 19  SER A CA 4 
ATOM 446 C CA . TYR A 1 20  ? 3.147   8.754   -15.681 1.00 46.29 ? 20  TYR A CA 4 
ATOM 447 C CA . TYR A 1 21  ? 0.771   10.780  -17.871 1.00 44.93 ? 21  TYR A CA 4 
ATOM 448 C CA . SER A 1 22  ? 1.122   13.089  -20.888 1.00 49.17 ? 22  SER A CA 4 
ATOM 449 C CA . THR A 1 23  ? -0.152  16.655  -21.189 1.00 49.40 ? 23  THR A CA 4 
ATOM 450 C CA . PRO A 1 24  ? -2.747  17.851  -21.942 1.00 43.20 ? 24  PRO A CA 4 
ATOM 451 C CA . ILE A 1 25  ? -4.918  15.296  -20.117 1.00 37.29 ? 25  ILE A CA 4 
ATOM 452 C CA . ALA A 1 26  ? -7.425  14.116  -22.764 1.00 30.19 ? 26  ALA A CA 4 
ATOM 453 C CA . VAL A 1 27  ? -10.876 12.639  -22.156 1.00 26.92 ? 27  VAL A CA 4 
ATOM 454 C CA . GLY A 1 28  ? -10.330 8.904   -21.808 1.00 31.93 ? 28  GLY A CA 4 
ATOM 455 C CA . THR A 1 29  ? -6.955  9.184   -20.102 1.00 29.37 ? 29  THR A CA 4 
ATOM 456 C CA . VAL A 1 30  ? -6.545  6.555   -17.320 1.00 29.71 ? 30  VAL A CA 4 
ATOM 457 C CA . ILE A 1 31  ? -4.372  7.353   -14.278 1.00 34.25 ? 31  ILE A CA 4 
ATOM 458 C CA . ARG A 1 32  ? -3.280  4.703   -11.755 1.00 32.43 ? 32  ARG A CA 4 
ATOM 459 C CA . TYR A 1 33  ? -2.567  5.304   -8.059  1.00 31.30 ? 33  TYR A CA 4 
ATOM 460 C CA . SER A 1 34  ? -0.520  3.015   -5.793  1.00 24.95 ? 34  SER A CA 4 
ATOM 461 C CA . CYS A 1 35  ? 0.998   2.990   -2.289  1.00 32.41 ? 35  CYS A CA 4 
ATOM 462 C CA . SER A 1 36  ? 4.408   2.039   -0.821  1.00 56.15 ? 36  SER A CA 4 
ATOM 463 C CA . GLY A 1 37  ? 4.831   -1.363  0.746   1.00 47.70 ? 37  GLY A CA 4 
ATOM 464 C CA . THR A 1 38  ? 3.951   -0.407  4.284   1.00 40.76 ? 38  THR A CA 4 
ATOM 465 C CA . PHE A 1 39  ? 0.844   1.457   3.213   1.00 31.01 ? 39  PHE A CA 4 
ATOM 466 C CA . ARG A 1 40  ? -2.510  0.291   1.961   1.00 29.69 ? 40  ARG A CA 4 
ATOM 467 C CA . LEU A 1 41  ? -4.549  1.805   -0.868  1.00 30.62 ? 41  LEU A CA 4 
ATOM 468 C CA . ILE A 1 42  ? -8.125  2.691   0.115   1.00 27.37 ? 42  ILE A CA 4 
ATOM 469 C CA . GLY A 1 43  ? -10.491 3.219   -2.834  1.00 23.62 ? 43  GLY A CA 4 
ATOM 470 C CA . GLU A 1 44  ? -10.419 2.494   -6.579  1.00 29.50 ? 44  GLU A CA 4 
ATOM 471 C CA . LYS A 1 45  ? -6.861  2.741   -7.965  1.00 32.03 ? 45  LYS A CA 4 
ATOM 472 C CA . SER A 1 46  ? -7.669  4.037   -11.478 1.00 33.61 ? 46  SER A CA 4 
ATOM 473 C CA . LEU A 1 47  ? -9.243  7.344   -12.335 1.00 25.34 ? 47  LEU A CA 4 
ATOM 474 C CA . LEU A 1 48  ? -10.661 8.064   -15.775 1.00 26.17 ? 48  LEU A CA 4 
ATOM 475 C CA . CYS A 1 49  ? -10.791 11.505  -17.382 1.00 22.87 ? 49  CYS A CA 4 
ATOM 476 C CA . ILE A 1 50  ? -14.397 11.857  -18.547 1.00 28.64 ? 50  ILE A CA 4 
ATOM 477 C CA . THR A 1 51  ? -16.807 14.587  -19.651 1.00 27.24 ? 51  THR A CA 4 
ATOM 478 C CA . LYS A 1 52  ? -20.382 14.585  -18.354 1.00 25.65 ? 52  LYS A CA 4 
ATOM 479 C CA . ASP A 1 53  ? -21.593 17.777  -20.103 1.00 29.77 ? 53  ASP A CA 4 
ATOM 480 C CA . LYS A 1 54  ? -19.551 17.527  -23.295 1.00 31.18 ? 54  LYS A CA 4 
ATOM 481 C CA . VAL A 1 55  ? -17.847 20.807  -22.454 1.00 26.37 ? 55  VAL A CA 4 
ATOM 482 C CA . ASP A 1 56  ? -15.644 20.339  -19.382 1.00 26.94 ? 56  ASP A CA 4 
ATOM 483 C CA . GLY A 1 57  ? -13.578 17.323  -18.318 1.00 24.10 ? 57  GLY A CA 4 
ATOM 484 C CA . THR A 1 58  ? -13.547 15.791  -14.804 1.00 20.36 ? 58  THR A CA 4 
ATOM 485 C CA . TRP A 1 59  ? -11.887 12.742  -13.285 1.00 25.54 ? 59  TRP A CA 4 
ATOM 486 C CA . ASP A 1 60  ? -14.634 10.128  -12.828 1.00 25.81 ? 60  ASP A CA 4 
ATOM 487 C CA . LYS A 1 61  ? -13.981 9.621   -9.120  1.00 27.97 ? 61  LYS A CA 4 
ATOM 488 C CA . PRO A 1 62  ? -12.089 11.025  -6.142  1.00 22.11 ? 62  PRO A CA 4 
ATOM 489 C CA . ALA A 1 63  ? -8.478  9.990   -5.754  1.00 26.37 ? 63  ALA A CA 4 
ATOM 490 C CA . PRO A 1 64  ? -7.954  6.978   -3.448  1.00 19.99 ? 64  PRO A CA 4 
ATOM 491 C CA . LYS A 1 65  ? -5.709  7.353   -0.331  1.00 26.90 ? 65  LYS A CA 4 
ATOM 492 C CA . CYS A 1 66  ? -2.736  5.544   1.199   1.00 27.27 ? 66  CYS A CA 4 
ATOM 493 C CA . GLN A 1 67  ? -4.383  5.448   4.604   1.00 0.00  ? 67  GLN A CA 4 
ATOM 494 C CA . TYR A 1 68  ? -2.105  4.121   7.521   1.00 0.00  ? 68  TYR A CA 4 
ATOM 495 C CA . PHE A 1 69  ? -4.892  5.357   10.049  1.00 0.00  ? 69  PHE A CA 4 
ATOM 496 C CA . ASN A 1 70  ? -7.287  2.589   11.674  1.00 0.00  ? 70  ASN A CA 4 
ATOM 497 C CA . LYS A 1 71  ? -6.606  0.827   15.098  1.00 0.00  ? 71  LYS A CA 4 
ATOM 498 C CA . TYR A 1 72  ? -7.105  0.272   19.039  1.00 0.00  ? 72  TYR A CA 4 
ATOM 499 C CA . SER A 1 73  ? -8.381  -2.942  20.751  1.00 0.00  ? 73  SER A CA 4 
ATOM 500 C CA . SER A 1 74  ? -7.930  -6.199  18.574  1.00 0.00  ? 74  SER A CA 4 
ATOM 501 C CA . CYS A 1 75  ? -4.791  -6.331  16.384  1.00 36.35 ? 75  CYS A CA 4 
ATOM 502 C CA . PRO A 1 76  ? -4.059  -7.193  12.765  1.00 35.61 ? 76  PRO A CA 4 
ATOM 503 C CA . GLU A 1 77  ? -1.469  -9.814  11.950  1.00 36.66 ? 77  GLU A CA 4 
ATOM 504 C CA . PRO A 1 78  ? 1.929   -8.233  12.641  1.00 31.16 ? 78  PRO A CA 4 
ATOM 505 C CA . ILE A 1 79  ? 4.238   -8.743  9.687   1.00 41.40 ? 79  ILE A CA 4 
ATOM 506 C CA . VAL A 1 80  ? 7.984   -8.278  9.559   1.00 38.30 ? 80  VAL A CA 4 
ATOM 507 C CA . PRO A 1 81  ? 9.623   -8.643  6.137   1.00 40.96 ? 81  PRO A CA 4 
ATOM 508 C CA . GLY A 1 82  ? 12.732  -10.743 6.389   1.00 36.40 ? 82  GLY A CA 4 
ATOM 509 C CA . GLY A 1 83  ? 11.437  -12.306 9.607   1.00 39.25 ? 83  GLY A CA 4 
ATOM 510 C CA . TYR A 1 84  ? 8.812   -14.614 11.156  1.00 33.04 ? 84  TYR A CA 4 
ATOM 511 C CA . LYS A 1 85  ? 6.953   -15.287 14.411  1.00 29.94 ? 85  LYS A CA 4 
ATOM 512 C CA . ILE A 1 86  ? 8.464   -17.659 16.952  1.00 21.30 ? 86  ILE A CA 4 
ATOM 513 C CA . ARG A 1 87  ? 5.804   -17.006 19.553  1.00 25.74 ? 87  ARG A CA 4 
ATOM 514 C CA . GLY A 1 88  ? 2.130   -15.994 19.572  1.00 23.64 ? 88  GLY A CA 4 
ATOM 515 C CA . SER A 1 89  ? -0.409  -16.500 16.741  1.00 34.32 ? 89  SER A CA 4 
ATOM 516 C CA . THR A 1 90  ? -3.893  -15.421 15.648  1.00 29.87 ? 90  THR A CA 4 
ATOM 517 C CA . PRO A 1 91  ? -6.310  -14.286 17.003  1.00 33.13 ? 91  PRO A CA 4 
ATOM 518 C CA . TYR A 1 92  ? -4.513  -11.228 18.424  1.00 29.55 ? 92  TYR A CA 4 
ATOM 519 C CA . ARG A 1 93  ? -6.411  -9.901  21.454  1.00 21.94 ? 93  ARG A CA 4 
ATOM 520 C CA . HIS A 1 94  ? -5.797  -7.269  24.105  1.00 28.69 ? 94  HIS A CA 4 
ATOM 521 C CA . GLY A 1 95  ? -2.644  -8.050  26.063  1.00 20.48 ? 95  GLY A CA 4 
ATOM 522 C CA . ASP A 1 96  ? -1.494  -10.815 23.659  1.00 19.73 ? 96  ASP A CA 4 
ATOM 523 C CA . SER A 1 97  ? 2.143   -10.787 22.732  1.00 27.05 ? 97  SER A CA 4 
ATOM 524 C CA . VAL A 1 98  ? 4.126   -11.794 19.675  1.00 26.56 ? 98  VAL A CA 4 
ATOM 525 C CA . THR A 1 99  ? 7.848   -12.519 19.415  1.00 23.14 ? 99  THR A CA 4 
ATOM 526 C CA . PHE A 1 100 ? 9.745   -12.359 16.083  1.00 27.82 ? 100 PHE A CA 4 
ATOM 527 C CA . ALA A 1 101 ? 13.060  -13.797 14.783  1.00 34.14 ? 101 ALA A CA 4 
ATOM 528 C CA . CYS A 1 102 ? 14.878  -12.886 11.560  1.00 39.15 ? 102 CYS A CA 4 
ATOM 529 C CA . LYS A 1 103 ? 15.366  -15.391 8.743   1.00 40.35 ? 103 LYS A CA 4 
ATOM 530 C CA . THR A 1 104 ? 18.879  -16.627 7.879   1.00 48.55 ? 104 THR A CA 4 
ATOM 531 C CA . ASN A 1 105 ? 21.143  -13.851 6.512   1.00 48.36 ? 105 ASN A CA 4 
ATOM 532 C CA . PHE A 1 106 ? 18.974  -11.273 8.264   1.00 44.54 ? 106 PHE A CA 4 
ATOM 533 C CA . SER A 1 107 ? 19.681  -9.383  11.472  1.00 47.47 ? 107 SER A CA 4 
ATOM 534 C CA . MET A 1 108 ? 17.122  -7.744  13.732  1.00 50.16 ? 108 MET A CA 4 
ATOM 535 C CA . ASN A 1 109 ? 16.685  -4.083  14.573  1.00 56.25 ? 109 ASN A CA 4 
ATOM 536 C CA . GLY A 1 110 ? 14.427  -2.999  17.385  1.00 44.02 ? 110 GLY A CA 4 
ATOM 537 C CA . ASN A 1 111 ? 12.566  -4.975  20.027  1.00 47.08 ? 111 ASN A CA 4 
ATOM 538 C CA . LYS A 1 112 ? 11.708  -8.557  19.131  1.00 35.55 ? 112 LYS A CA 4 
ATOM 539 C CA . SER A 1 113 ? 8.394   -8.681  21.069  1.00 31.62 ? 113 SER A CA 4 
ATOM 540 C CA . VAL A 1 114 ? 5.242   -6.635  20.715  1.00 28.12 ? 114 VAL A CA 4 
ATOM 541 C CA . TRP A 1 115 ? 1.904   -6.488  22.553  1.00 21.46 ? 115 TRP A CA 4 
ATOM 542 C CA . CYS A 1 116 ? -1.589  -6.013  21.188  1.00 22.66 ? 116 CYS A CA 4 
ATOM 543 C CA . GLN A 1 117 ? -2.795  -2.718  22.746  1.00 27.53 ? 117 GLN A CA 4 
ATOM 544 C CA . ALA A 1 118 ? -6.345  -1.552  23.532  1.00 32.79 ? 118 ALA A CA 4 
ATOM 545 C CA . ASN A 1 119 ? -6.193  0.877   20.578  1.00 38.02 ? 119 ASN A CA 4 
ATOM 546 C CA . ASN A 1 120 ? -5.776  -2.186  18.284  1.00 31.01 ? 120 ASN A CA 4 
ATOM 547 C CA . MET A 1 121 ? -2.167  -1.450  17.509  1.00 30.69 ? 121 MET A CA 4 
ATOM 548 C CA . TRP A 1 122 ? 1.003   -3.313  18.305  1.00 32.04 ? 122 TRP A CA 4 
ATOM 549 C CA . GLY A 1 123 ? 3.356   -2.948  21.260  1.00 40.39 ? 123 GLY A CA 4 
ATOM 550 C CA . PRO A 1 124 ? 4.804   0.056   23.024  1.00 40.69 ? 124 PRO A CA 4 
ATOM 551 C CA . THR A 1 125 ? 7.605   0.033   20.413  1.00 38.91 ? 125 THR A CA 4 
ATOM 552 C CA . ARG A 1 126 ? 7.410   -0.229  16.637  1.00 46.43 ? 126 ARG A CA 4 
ATOM 553 C CA . LEU A 1 127 ? 7.652   -3.678  14.988  1.00 35.68 ? 127 LEU A CA 4 
ATOM 554 C CA . PRO A 1 128 ? 11.235  -4.876  14.688  1.00 35.47 ? 128 PRO A CA 4 
ATOM 555 C CA . THR A 1 129 ? 12.926  -4.937  11.289  1.00 41.03 ? 129 THR A CA 4 
ATOM 556 C CA . CYS A 1 130 ? 15.121  -7.558  9.645   1.00 48.44 ? 130 CYS A CA 4 
ATOM 557 C CA . VAL A 1 131 ? 17.977  -6.515  7.332   1.00 58.11 ? 131 VAL A CA 4 
ATOM 558 C CA . SER A 1 132 ? 20.512  -8.683  5.411   1.00 63.04 ? 132 SER A CA 4 
ATOM 559 C CA . VAL A 1 133 ? 23.844  -6.729  6.179   1.00 0.00  ? 133 VAL A CA 4 
ATOM 560 C CA . PHE A 1 134 ? 24.935  -7.116  9.963   1.00 0.00  ? 134 PHE A CA 4 
ATOM 561 C CA . PRO A 1 135 ? 21.526  -8.692  11.312  1.00 0.00  ? 135 PRO A CA 4 
ATOM 562 C CA . LEU A 1 136 ? 22.549  -8.941  14.909  1.00 0.00  ? 136 LEU A CA 4 
ATOM 563 C CA . GLU A 1 137 ? 21.280  -5.484  16.653  1.00 0.00  ? 137 GLU A CA 4 
ATOM 564 C CA . GLN A 1 138 ? 17.644  -5.452  17.986  1.00 0.00  ? 138 GLN A CA 4 
ATOM 565 C CA . LYS A 1 139 ? 18.120  -2.519  20.355  1.00 0.00  ? 139 LYS A CA 4 
ATOM 566 C CA . LEU A 1 140 ? 20.373  0.658   19.448  1.00 0.00  ? 140 LEU A CA 4 
ATOM 567 C CA . ILE A 1 141 ? 20.295  1.338   15.757  1.00 0.00  ? 141 ILE A CA 4 
ATOM 568 C CA . SER A 1 142 ? 23.863  1.918   14.323  1.00 0.00  ? 142 SER A CA 4 
ATOM 569 C CA . GLU A 1 1   ? -5.512  26.404  -34.411 1.00 0.00  ? 1   GLU A CA 5 
ATOM 570 C CA . ALA A 1 2   ? -7.157  23.588  -32.489 1.00 0.00  ? 2   ALA A CA 5 
ATOM 571 C CA . GLU A 1 3   ? -8.376  22.359  -29.123 1.00 0.00  ? 3   GLU A CA 5 
ATOM 572 C CA . ALA A 1 4   ? -10.025 19.536  -27.195 1.00 43.96 ? 4   ALA A CA 5 
ATOM 573 C CA . ILE A 1 5   ? -11.744 18.648  -23.879 1.00 37.01 ? 5   ILE A CA 5 
ATOM 574 C CA . SER A 1 6   ? -9.284  17.944  -21.042 1.00 26.19 ? 6   SER A CA 5 
ATOM 575 C CA . CYS A 1 7   ? -9.093  17.223  -17.310 1.00 27.29 ? 7   CYS A CA 5 
ATOM 576 C CA . GLY A 1 8   ? -6.910  19.240  -15.004 1.00 23.57 ? 8   GLY A CA 5 
ATOM 577 C CA . SER A 1 9   ? -4.033  17.903  -12.926 1.00 22.23 ? 9   SER A CA 5 
ATOM 578 C CA . PRO A 1 10  ? -5.026  14.672  -11.121 1.00 25.01 ? 10  PRO A CA 5 
ATOM 579 C CA . PRO A 1 11  ? -5.605  14.849  -7.381  1.00 25.28 ? 11  PRO A CA 5 
ATOM 580 C CA . PRO A 1 12  ? -2.380  14.160  -5.412  1.00 32.22 ? 12  PRO A CA 5 
ATOM 581 C CA . ILE A 1 13  ? -1.952  11.199  -3.117  1.00 34.36 ? 13  ILE A CA 5 
ATOM 582 C CA . LEU A 1 14  ? 0.031   11.399  0.084   1.00 34.63 ? 14  LEU A CA 5 
ATOM 583 C CA . ASN A 1 15  ? 2.513   8.544   0.523   1.00 30.29 ? 15  ASN A CA 5 
ATOM 584 C CA . GLY A 1 16  ? 1.597   7.177   -2.859  1.00 28.72 ? 16  GLY A CA 5 
ATOM 585 C CA . ARG A 1 17  ? 2.446   7.422   -6.542  1.00 31.15 ? 17  ARG A CA 5 
ATOM 586 C CA . ILE A 1 18  ? 0.533   8.259   -9.680  1.00 26.75 ? 18  ILE A CA 5 
ATOM 587 C CA . SER A 1 19  ? 1.394   6.656   -13.006 1.00 32.61 ? 19  SER A CA 5 
ATOM 588 C CA . TYR A 1 20  ? 3.147   8.754   -15.681 1.00 46.29 ? 20  TYR A CA 5 
ATOM 589 C CA . TYR A 1 21  ? 0.771   10.780  -17.871 1.00 44.93 ? 21  TYR A CA 5 
ATOM 590 C CA . SER A 1 22  ? 1.122   13.089  -20.888 1.00 49.17 ? 22  SER A CA 5 
ATOM 591 C CA . THR A 1 23  ? -0.152  16.655  -21.189 1.00 49.40 ? 23  THR A CA 5 
ATOM 592 C CA . PRO A 1 24  ? -2.747  17.851  -21.942 1.00 43.20 ? 24  PRO A CA 5 
ATOM 593 C CA . ILE A 1 25  ? -4.918  15.296  -20.117 1.00 37.29 ? 25  ILE A CA 5 
ATOM 594 C CA . ALA A 1 26  ? -7.425  14.116  -22.764 1.00 30.19 ? 26  ALA A CA 5 
ATOM 595 C CA . VAL A 1 27  ? -10.876 12.639  -22.156 1.00 26.92 ? 27  VAL A CA 5 
ATOM 596 C CA . GLY A 1 28  ? -10.330 8.904   -21.808 1.00 31.93 ? 28  GLY A CA 5 
ATOM 597 C CA . THR A 1 29  ? -6.955  9.184   -20.102 1.00 29.37 ? 29  THR A CA 5 
ATOM 598 C CA . VAL A 1 30  ? -6.545  6.555   -17.320 1.00 29.71 ? 30  VAL A CA 5 
ATOM 599 C CA . ILE A 1 31  ? -4.372  7.353   -14.278 1.00 34.25 ? 31  ILE A CA 5 
ATOM 600 C CA . ARG A 1 32  ? -3.280  4.703   -11.755 1.00 32.43 ? 32  ARG A CA 5 
ATOM 601 C CA . TYR A 1 33  ? -2.567  5.304   -8.059  1.00 31.30 ? 33  TYR A CA 5 
ATOM 602 C CA . SER A 1 34  ? -0.520  3.015   -5.793  1.00 24.95 ? 34  SER A CA 5 
ATOM 603 C CA . CYS A 1 35  ? 0.998   2.990   -2.289  1.00 32.41 ? 35  CYS A CA 5 
ATOM 604 C CA . SER A 1 36  ? 4.408   2.039   -0.821  1.00 56.15 ? 36  SER A CA 5 
ATOM 605 C CA . GLY A 1 37  ? 4.831   -1.363  0.746   1.00 47.70 ? 37  GLY A CA 5 
ATOM 606 C CA . THR A 1 38  ? 3.951   -0.407  4.284   1.00 40.76 ? 38  THR A CA 5 
ATOM 607 C CA . PHE A 1 39  ? 0.844   1.457   3.213   1.00 31.01 ? 39  PHE A CA 5 
ATOM 608 C CA . ARG A 1 40  ? -2.510  0.291   1.961   1.00 29.69 ? 40  ARG A CA 5 
ATOM 609 C CA . LEU A 1 41  ? -4.549  1.805   -0.868  1.00 30.62 ? 41  LEU A CA 5 
ATOM 610 C CA . ILE A 1 42  ? -8.125  2.691   0.115   1.00 27.37 ? 42  ILE A CA 5 
ATOM 611 C CA . GLY A 1 43  ? -10.491 3.219   -2.834  1.00 23.62 ? 43  GLY A CA 5 
ATOM 612 C CA . GLU A 1 44  ? -10.419 2.494   -6.579  1.00 29.50 ? 44  GLU A CA 5 
ATOM 613 C CA . LYS A 1 45  ? -6.861  2.741   -7.965  1.00 32.03 ? 45  LYS A CA 5 
ATOM 614 C CA . SER A 1 46  ? -7.669  4.037   -11.478 1.00 33.61 ? 46  SER A CA 5 
ATOM 615 C CA . LEU A 1 47  ? -9.243  7.344   -12.335 1.00 25.34 ? 47  LEU A CA 5 
ATOM 616 C CA . LEU A 1 48  ? -10.661 8.064   -15.775 1.00 26.17 ? 48  LEU A CA 5 
ATOM 617 C CA . CYS A 1 49  ? -10.791 11.505  -17.382 1.00 22.87 ? 49  CYS A CA 5 
ATOM 618 C CA . ILE A 1 50  ? -14.397 11.857  -18.547 1.00 28.64 ? 50  ILE A CA 5 
ATOM 619 C CA . THR A 1 51  ? -16.807 14.587  -19.651 1.00 27.24 ? 51  THR A CA 5 
ATOM 620 C CA . LYS A 1 52  ? -20.382 14.585  -18.354 1.00 25.65 ? 52  LYS A CA 5 
ATOM 621 C CA . ASP A 1 53  ? -21.593 17.777  -20.103 1.00 29.77 ? 53  ASP A CA 5 
ATOM 622 C CA . LYS A 1 54  ? -19.551 17.527  -23.295 1.00 31.18 ? 54  LYS A CA 5 
ATOM 623 C CA . VAL A 1 55  ? -17.847 20.807  -22.454 1.00 26.37 ? 55  VAL A CA 5 
ATOM 624 C CA . ASP A 1 56  ? -15.644 20.339  -19.382 1.00 26.94 ? 56  ASP A CA 5 
ATOM 625 C CA . GLY A 1 57  ? -13.578 17.323  -18.318 1.00 24.10 ? 57  GLY A CA 5 
ATOM 626 C CA . THR A 1 58  ? -13.547 15.791  -14.804 1.00 20.36 ? 58  THR A CA 5 
ATOM 627 C CA . TRP A 1 59  ? -11.887 12.742  -13.285 1.00 25.54 ? 59  TRP A CA 5 
ATOM 628 C CA . ASP A 1 60  ? -14.634 10.128  -12.828 1.00 25.81 ? 60  ASP A CA 5 
ATOM 629 C CA . LYS A 1 61  ? -13.981 9.621   -9.120  1.00 27.97 ? 61  LYS A CA 5 
ATOM 630 C CA . PRO A 1 62  ? -12.089 11.025  -6.142  1.00 22.11 ? 62  PRO A CA 5 
ATOM 631 C CA . ALA A 1 63  ? -8.478  9.990   -5.754  1.00 26.37 ? 63  ALA A CA 5 
ATOM 632 C CA . PRO A 1 64  ? -7.954  6.978   -3.448  1.00 19.99 ? 64  PRO A CA 5 
ATOM 633 C CA . LYS A 1 65  ? -5.709  7.353   -0.331  1.00 26.90 ? 65  LYS A CA 5 
ATOM 634 C CA . CYS A 1 66  ? -2.736  5.544   1.199   1.00 27.27 ? 66  CYS A CA 5 
ATOM 635 C CA . GLN A 1 67  ? -3.616  4.771   4.926   1.00 0.00  ? 67  GLN A CA 5 
ATOM 636 C CA . TYR A 1 68  ? -0.651  2.999   6.557   1.00 0.00  ? 68  TYR A CA 5 
ATOM 637 C CA . PHE A 1 69  ? -1.701  1.716   10.076  1.00 0.00  ? 69  PHE A CA 5 
ATOM 638 C CA . ASN A 1 70  ? -4.356  -1.195  9.929   1.00 0.00  ? 70  ASN A CA 5 
ATOM 639 C CA . LYS A 1 71  ? -2.816  -4.335  11.544  1.00 0.00  ? 71  LYS A CA 5 
ATOM 640 C CA . TYR A 1 72  ? -2.810  -5.180  15.223  1.00 0.00  ? 72  TYR A CA 5 
ATOM 641 C CA . SER A 1 73  ? -3.105  -8.854  16.596  1.00 0.00  ? 73  SER A CA 5 
ATOM 642 C CA . SER A 1 74  ? -3.352  -11.226 13.432  1.00 0.00  ? 74  SER A CA 5 
ATOM 643 C CA . CYS A 1 75  ? -0.232  -10.441 11.363  1.00 36.35 ? 75  CYS A CA 5 
ATOM 644 C CA . PRO A 1 76  ? 0.319   -8.830  7.975   1.00 35.61 ? 76  PRO A CA 5 
ATOM 645 C CA . GLU A 1 77  ? 3.048   -10.116 5.708   1.00 36.66 ? 77  GLU A CA 5 
ATOM 646 C CA . PRO A 1 78  ? 6.347   -8.943  7.209   1.00 31.16 ? 78  PRO A CA 5 
ATOM 647 C CA . ILE A 1 79  ? 8.484   -7.296  4.557   1.00 41.40 ? 79  ILE A CA 5 
ATOM 648 C CA . VAL A 1 80  ? 12.164  -6.461  4.724   1.00 38.30 ? 80  VAL A CA 5 
ATOM 649 C CA . PRO A 1 81  ? 13.590  -4.485  1.794   1.00 40.96 ? 81  PRO A CA 5 
ATOM 650 C CA . GLY A 1 82  ? 16.866  -5.960  0.687   1.00 36.40 ? 82  GLY A CA 5 
ATOM 651 C CA . GLY A 1 83  ? 15.923  -9.289  2.270   1.00 39.25 ? 83  GLY A CA 5 
ATOM 652 C CA . TYR A 1 84  ? 13.601  -12.321 2.085   1.00 33.04 ? 84  TYR A CA 5 
ATOM 653 C CA . LYS A 1 85  ? 12.028  -15.033 4.246   1.00 29.94 ? 85  LYS A CA 5 
ATOM 654 C CA . ILE A 1 86  ? 13.892  -18.289 4.784   1.00 21.30 ? 86  ILE A CA 5 
ATOM 655 C CA . ARG A 1 87  ? 11.372  -19.644 7.248   1.00 25.74 ? 87  ARG A CA 5 
ATOM 656 C CA . GLY A 1 88  ? 7.638   -19.247 7.904   1.00 23.64 ? 88  GLY A CA 5 
ATOM 657 C CA . SER A 1 89  ? 4.960   -18.180 5.370   1.00 34.32 ? 89  SER A CA 5 
ATOM 658 C CA . THR A 1 90  ? 1.336   -17.030 5.188   1.00 29.87 ? 90  THR A CA 5 
ATOM 659 C CA . PRO A 1 91  ? -1.067  -17.220 6.967   1.00 33.13 ? 91  PRO A CA 5 
ATOM 660 C CA . TYR A 1 92  ? 0.575   -15.502 9.958   1.00 29.55 ? 92  TYR A CA 5 
ATOM 661 C CA . ARG A 1 93  ? -1.213  -16.511 13.173  1.00 21.94 ? 93  ARG A CA 5 
ATOM 662 C CA . HIS A 1 94  ? -0.633  -16.001 16.879  1.00 28.69 ? 94  HIS A CA 5 
ATOM 663 C CA . GLY A 1 95  ? 2.698   -17.480 17.928  1.00 20.48 ? 95  GLY A CA 5 
ATOM 664 C CA . ASP A 1 96  ? 3.899   -18.061 14.326  1.00 19.73 ? 96  ASP A CA 5 
ATOM 665 C CA . SER A 1 97  ? 7.451   -17.092 13.596  1.00 27.05 ? 97  SER A CA 5 
ATOM 666 C CA . VAL A 1 98  ? 9.295   -15.806 10.558  1.00 26.56 ? 98  VAL A CA 5 
ATOM 667 C CA . THR A 1 99  ? 13.037  -15.827 9.890   1.00 23.14 ? 99  THR A CA 5 
ATOM 668 C CA . PHE A 1 100 ? 14.684  -13.465 7.351   1.00 27.82 ? 100 PHE A CA 5 
ATOM 669 C CA . ALA A 1 101 ? 18.008  -13.453 5.427   1.00 34.14 ? 101 ALA A CA 5 
ATOM 670 C CA . CYS A 1 102 ? 19.523  -10.576 3.437   1.00 39.15 ? 102 CYS A CA 5 
ATOM 671 C CA . LYS A 1 103 ? 20.017  -10.769 -0.328  1.00 40.35 ? 103 LYS A CA 5 
ATOM 672 C CA . THR A 1 104 ? 23.550  -10.843 -1.784  1.00 48.55 ? 104 THR A CA 5 
ATOM 673 C CA . ASN A 1 105 ? 25.487  -7.592  -1.165  1.00 48.36 ? 105 ASN A CA 5 
ATOM 674 C CA . PHE A 1 106 ? 23.243  -6.868  1.811   1.00 44.54 ? 106 PHE A CA 5 
ATOM 675 C CA . SER A 1 107 ? 24.014  -7.273  5.500   1.00 47.47 ? 107 SER A CA 5 
ATOM 676 C CA . MET A 1 108 ? 21.492  -7.636  8.301   1.00 50.16 ? 108 MET A CA 5 
ATOM 677 C CA . ASN A 1 109 ? 20.824  -5.322  11.217  1.00 56.25 ? 109 ASN A CA 5 
ATOM 678 C CA . GLY A 1 110 ? 18.682  -6.428  14.112  1.00 44.02 ? 110 GLY A CA 5 
ATOM 679 C CA . ASN A 1 111 ? 17.168  -9.787  14.989  1.00 47.08 ? 111 ASN A CA 5 
ATOM 680 C CA . LYS A 1 112 ? 16.540  -12.139 12.083  1.00 35.55 ? 112 LYS A CA 5 
ATOM 681 C CA . SER A 1 113 ? 13.387  -13.769 13.552  1.00 31.62 ? 113 SER A CA 5 
ATOM 682 C CA . VAL A 1 114 ? 10.064  -12.277 14.545  1.00 28.12 ? 114 VAL A CA 5 
ATOM 683 C CA . TRP A 1 115 ? 6.857   -13.634 16.101  1.00 21.46 ? 115 TRP A CA 5 
ATOM 684 C CA . CYS A 1 116 ? 3.253   -12.793 15.332  1.00 22.66 ? 116 CYS A CA 5 
ATOM 685 C CA . GLN A 1 117 ? 1.896   -11.286 18.592  1.00 27.53 ? 117 GLN A CA 5 
ATOM 686 C CA . ALA A 1 118 ? -1.674  -11.223 19.945  1.00 32.79 ? 118 ALA A CA 5 
ATOM 687 C CA . ASN A 1 119 ? -1.917  -7.497  19.109  1.00 38.02 ? 119 ASN A CA 5 
ATOM 688 C CA . ASN A 1 120 ? -1.413  -8.454  15.413  1.00 31.01 ? 120 ASN A CA 5 
ATOM 689 C CA . MET A 1 121 ? 2.063   -7.025  15.239  1.00 30.69 ? 121 MET A CA 5 
ATOM 690 C CA . TRP A 1 122 ? 5.420   -8.641  14.707  1.00 32.04 ? 122 TRP A CA 5 
ATOM 691 C CA . GLY A 1 123 ? 7.931   -9.914  17.250  1.00 40.39 ? 123 GLY A CA 5 
ATOM 692 C CA . PRO A 1 124 ? 9.251   -8.485  20.481  1.00 40.69 ? 124 PRO A CA 5 
ATOM 693 C CA . THR A 1 125 ? 11.861  -6.613  18.396  1.00 38.91 ? 125 THR A CA 5 
ATOM 694 C CA . ARG A 1 126 ? 11.431  -4.531  15.258  1.00 46.43 ? 126 ARG A CA 5 
ATOM 695 C CA . LEU A 1 127 ? 11.836  -6.204  11.836  1.00 35.68 ? 127 LEU A CA 5 
ATOM 696 C CA . PRO A 1 128 ? 15.474  -6.586  10.846  1.00 35.47 ? 128 PRO A CA 5 
ATOM 697 C CA . THR A 1 129 ? 16.930  -4.380  8.121   1.00 41.03 ? 129 THR A CA 5 
ATOM 698 C CA . CYS A 1 130 ? 19.210  -5.201  5.202   1.00 48.44 ? 130 CYS A CA 5 
ATOM 699 C CA . VAL A 1 131 ? 21.810  -2.672  4.006   1.00 58.11 ? 131 VAL A CA 5 
ATOM 700 C CA . SER A 1 132 ? 24.372  -2.932  1.147   1.00 63.04 ? 132 SER A CA 5 
ATOM 701 C CA . VAL A 1 133 ? 27.971  -1.976  2.570   1.00 0.00  ? 133 VAL A CA 5 
ATOM 702 C CA . PHE A 1 134 ? 28.525  -2.044  6.478   1.00 0.00  ? 134 PHE A CA 5 
ATOM 703 C CA . PRO A 1 135 ? 31.214  -4.682  7.975   1.00 0.00  ? 135 PRO A CA 5 
ATOM 704 C CA . LEU A 1 136 ? 28.694  -6.112  10.732  1.00 0.00  ? 136 LEU A CA 5 
ATOM 705 C CA . GLU A 1 137 ? 24.948  -7.108  9.866   1.00 0.00  ? 137 GLU A CA 5 
ATOM 706 C CA . GLN A 1 138 ? 22.793  -6.728  13.096  1.00 0.00  ? 138 GLN A CA 5 
ATOM 707 C CA . LYS A 1 139 ? 24.059  -8.210  16.537  1.00 0.00  ? 139 LYS A CA 5 
ATOM 708 C CA . LEU A 1 140 ? 22.728  -11.057 17.727  1.00 0.00  ? 140 LEU A CA 5 
ATOM 709 C CA . ILE A 1 141 ? 20.548  -12.465 14.663  1.00 0.00  ? 141 ILE A CA 5 
ATOM 710 C CA . SER A 1 142 ? 23.057  -13.306 11.934  1.00 0.00  ? 142 SER A CA 5 
ATOM 711 C CA . GLU A 1 1   ? -5.512  26.404  -34.411 1.00 0.00  ? 1   GLU A CA 6 
ATOM 712 C CA . ALA A 1 2   ? -7.157  23.588  -32.489 1.00 0.00  ? 2   ALA A CA 6 
ATOM 713 C CA . GLU A 1 3   ? -8.376  22.359  -29.123 1.00 0.00  ? 3   GLU A CA 6 
ATOM 714 C CA . ALA A 1 4   ? -10.025 19.536  -27.195 1.00 43.96 ? 4   ALA A CA 6 
ATOM 715 C CA . ILE A 1 5   ? -11.744 18.648  -23.879 1.00 37.01 ? 5   ILE A CA 6 
ATOM 716 C CA . SER A 1 6   ? -9.284  17.944  -21.042 1.00 26.19 ? 6   SER A CA 6 
ATOM 717 C CA . CYS A 1 7   ? -9.093  17.223  -17.310 1.00 27.29 ? 7   CYS A CA 6 
ATOM 718 C CA . GLY A 1 8   ? -6.910  19.240  -15.004 1.00 23.57 ? 8   GLY A CA 6 
ATOM 719 C CA . SER A 1 9   ? -4.033  17.903  -12.926 1.00 22.23 ? 9   SER A CA 6 
ATOM 720 C CA . PRO A 1 10  ? -5.026  14.672  -11.121 1.00 25.01 ? 10  PRO A CA 6 
ATOM 721 C CA . PRO A 1 11  ? -5.605  14.849  -7.381  1.00 25.28 ? 11  PRO A CA 6 
ATOM 722 C CA . PRO A 1 12  ? -2.380  14.160  -5.412  1.00 32.22 ? 12  PRO A CA 6 
ATOM 723 C CA . ILE A 1 13  ? -1.952  11.199  -3.117  1.00 34.36 ? 13  ILE A CA 6 
ATOM 724 C CA . LEU A 1 14  ? 0.031   11.399  0.084   1.00 34.63 ? 14  LEU A CA 6 
ATOM 725 C CA . ASN A 1 15  ? 2.513   8.544   0.523   1.00 30.29 ? 15  ASN A CA 6 
ATOM 726 C CA . GLY A 1 16  ? 1.597   7.177   -2.859  1.00 28.72 ? 16  GLY A CA 6 
ATOM 727 C CA . ARG A 1 17  ? 2.446   7.422   -6.542  1.00 31.15 ? 17  ARG A CA 6 
ATOM 728 C CA . ILE A 1 18  ? 0.533   8.259   -9.680  1.00 26.75 ? 18  ILE A CA 6 
ATOM 729 C CA . SER A 1 19  ? 1.394   6.656   -13.006 1.00 32.61 ? 19  SER A CA 6 
ATOM 730 C CA . TYR A 1 20  ? 3.147   8.754   -15.681 1.00 46.29 ? 20  TYR A CA 6 
ATOM 731 C CA . TYR A 1 21  ? 0.771   10.780  -17.871 1.00 44.93 ? 21  TYR A CA 6 
ATOM 732 C CA . SER A 1 22  ? 1.122   13.089  -20.888 1.00 49.17 ? 22  SER A CA 6 
ATOM 733 C CA . THR A 1 23  ? -0.152  16.655  -21.189 1.00 49.40 ? 23  THR A CA 6 
ATOM 734 C CA . PRO A 1 24  ? -2.747  17.851  -21.942 1.00 43.20 ? 24  PRO A CA 6 
ATOM 735 C CA . ILE A 1 25  ? -4.918  15.296  -20.117 1.00 37.29 ? 25  ILE A CA 6 
ATOM 736 C CA . ALA A 1 26  ? -7.425  14.116  -22.764 1.00 30.19 ? 26  ALA A CA 6 
ATOM 737 C CA . VAL A 1 27  ? -10.876 12.639  -22.156 1.00 26.92 ? 27  VAL A CA 6 
ATOM 738 C CA . GLY A 1 28  ? -10.330 8.904   -21.808 1.00 31.93 ? 28  GLY A CA 6 
ATOM 739 C CA . THR A 1 29  ? -6.955  9.184   -20.102 1.00 29.37 ? 29  THR A CA 6 
ATOM 740 C CA . VAL A 1 30  ? -6.545  6.555   -17.320 1.00 29.71 ? 30  VAL A CA 6 
ATOM 741 C CA . ILE A 1 31  ? -4.372  7.353   -14.278 1.00 34.25 ? 31  ILE A CA 6 
ATOM 742 C CA . ARG A 1 32  ? -3.280  4.703   -11.755 1.00 32.43 ? 32  ARG A CA 6 
ATOM 743 C CA . TYR A 1 33  ? -2.567  5.304   -8.059  1.00 31.30 ? 33  TYR A CA 6 
ATOM 744 C CA . SER A 1 34  ? -0.520  3.015   -5.793  1.00 24.95 ? 34  SER A CA 6 
ATOM 745 C CA . CYS A 1 35  ? 0.998   2.990   -2.289  1.00 32.41 ? 35  CYS A CA 6 
ATOM 746 C CA . SER A 1 36  ? 4.408   2.039   -0.821  1.00 56.15 ? 36  SER A CA 6 
ATOM 747 C CA . GLY A 1 37  ? 4.831   -1.363  0.746   1.00 47.70 ? 37  GLY A CA 6 
ATOM 748 C CA . THR A 1 38  ? 3.951   -0.407  4.284   1.00 40.76 ? 38  THR A CA 6 
ATOM 749 C CA . PHE A 1 39  ? 0.844   1.457   3.213   1.00 31.01 ? 39  PHE A CA 6 
ATOM 750 C CA . ARG A 1 40  ? -2.510  0.291   1.961   1.00 29.69 ? 40  ARG A CA 6 
ATOM 751 C CA . LEU A 1 41  ? -4.549  1.805   -0.868  1.00 30.62 ? 41  LEU A CA 6 
ATOM 752 C CA . ILE A 1 42  ? -8.125  2.691   0.115   1.00 27.37 ? 42  ILE A CA 6 
ATOM 753 C CA . GLY A 1 43  ? -10.491 3.219   -2.834  1.00 23.62 ? 43  GLY A CA 6 
ATOM 754 C CA . GLU A 1 44  ? -10.419 2.494   -6.579  1.00 29.50 ? 44  GLU A CA 6 
ATOM 755 C CA . LYS A 1 45  ? -6.861  2.741   -7.965  1.00 32.03 ? 45  LYS A CA 6 
ATOM 756 C CA . SER A 1 46  ? -7.669  4.037   -11.478 1.00 33.61 ? 46  SER A CA 6 
ATOM 757 C CA . LEU A 1 47  ? -9.243  7.344   -12.335 1.00 25.34 ? 47  LEU A CA 6 
ATOM 758 C CA . LEU A 1 48  ? -10.661 8.064   -15.775 1.00 26.17 ? 48  LEU A CA 6 
ATOM 759 C CA . CYS A 1 49  ? -10.791 11.505  -17.382 1.00 22.87 ? 49  CYS A CA 6 
ATOM 760 C CA . ILE A 1 50  ? -14.397 11.857  -18.547 1.00 28.64 ? 50  ILE A CA 6 
ATOM 761 C CA . THR A 1 51  ? -16.807 14.587  -19.651 1.00 27.24 ? 51  THR A CA 6 
ATOM 762 C CA . LYS A 1 52  ? -20.382 14.585  -18.354 1.00 25.65 ? 52  LYS A CA 6 
ATOM 763 C CA . ASP A 1 53  ? -21.593 17.777  -20.103 1.00 29.77 ? 53  ASP A CA 6 
ATOM 764 C CA . LYS A 1 54  ? -19.551 17.527  -23.295 1.00 31.18 ? 54  LYS A CA 6 
ATOM 765 C CA . VAL A 1 55  ? -17.847 20.807  -22.454 1.00 26.37 ? 55  VAL A CA 6 
ATOM 766 C CA . ASP A 1 56  ? -15.644 20.339  -19.382 1.00 26.94 ? 56  ASP A CA 6 
ATOM 767 C CA . GLY A 1 57  ? -13.578 17.323  -18.318 1.00 24.10 ? 57  GLY A CA 6 
ATOM 768 C CA . THR A 1 58  ? -13.547 15.791  -14.804 1.00 20.36 ? 58  THR A CA 6 
ATOM 769 C CA . TRP A 1 59  ? -11.887 12.742  -13.285 1.00 25.54 ? 59  TRP A CA 6 
ATOM 770 C CA . ASP A 1 60  ? -14.634 10.128  -12.828 1.00 25.81 ? 60  ASP A CA 6 
ATOM 771 C CA . LYS A 1 61  ? -13.981 9.621   -9.120  1.00 27.97 ? 61  LYS A CA 6 
ATOM 772 C CA . PRO A 1 62  ? -12.089 11.025  -6.142  1.00 22.11 ? 62  PRO A CA 6 
ATOM 773 C CA . ALA A 1 63  ? -8.478  9.990   -5.754  1.00 26.37 ? 63  ALA A CA 6 
ATOM 774 C CA . PRO A 1 64  ? -7.954  6.978   -3.448  1.00 19.99 ? 64  PRO A CA 6 
ATOM 775 C CA . LYS A 1 65  ? -5.709  7.353   -0.331  1.00 26.90 ? 65  LYS A CA 6 
ATOM 776 C CA . CYS A 1 66  ? -2.736  5.544   1.199   1.00 27.27 ? 66  CYS A CA 6 
ATOM 777 C CA . GLN A 1 67  ? -0.130  5.727   3.980   1.00 0.00  ? 67  GLN A CA 6 
ATOM 778 C CA . TYR A 1 68  ? 2.708   8.451   3.946   1.00 0.00  ? 68  TYR A CA 6 
ATOM 779 C CA . PHE A 1 69  ? 5.790   8.823   6.228   1.00 0.00  ? 69  PHE A CA 6 
ATOM 780 C CA . ASN A 1 70  ? 9.303   9.966   5.324   1.00 0.00  ? 70  ASN A CA 6 
ATOM 781 C CA . LYS A 1 71  ? 11.952  9.806   8.091   1.00 0.00  ? 71  LYS A CA 6 
ATOM 782 C CA . TYR A 1 72  ? 10.907  9.911   11.940  1.00 0.00  ? 72  TYR A CA 6 
ATOM 783 C CA . SER A 1 73  ? 12.670  11.415  15.012  1.00 0.00  ? 73  SER A CA 6 
ATOM 784 C CA . SER A 1 74  ? 11.024  11.335  18.579  1.00 0.00  ? 74  SER A CA 6 
ATOM 785 C CA . CYS A 1 75  ? 10.952  7.703   19.730  1.00 36.35 ? 75  CYS A CA 6 
ATOM 786 C CA . PRO A 1 76  ? 10.972  5.929   23.080  1.00 35.61 ? 76  PRO A CA 6 
ATOM 787 C CA . GLU A 1 77  ? 12.498  2.488   23.369  1.00 36.66 ? 77  GLU A CA 6 
ATOM 788 C CA . PRO A 1 78  ? 10.066  0.080   21.696  1.00 31.16 ? 78  PRO A CA 6 
ATOM 789 C CA . ILE A 1 79  ? 9.368   -2.867  23.964  1.00 41.40 ? 79  ILE A CA 6 
ATOM 790 C CA . VAL A 1 80  ? 7.747   -6.159  23.068  1.00 38.30 ? 80  VAL A CA 6 
ATOM 791 C CA . PRO A 1 81  ? 7.050   -8.548  25.954  1.00 40.96 ? 81  PRO A CA 6 
ATOM 792 C CA . GLY A 1 82  ? 8.090   -12.044 25.043  1.00 36.40 ? 82  GLY A CA 6 
ATOM 793 C CA . GLY A 1 83  ? 10.458  -10.671 22.399  1.00 39.25 ? 83  GLY A CA 6 
ATOM 794 C CA . TYR A 1 84  ? 13.678  -8.709  21.766  1.00 33.04 ? 84  TYR A CA 6 
ATOM 795 C CA . LYS A 1 85  ? 15.391  -6.509  19.173  1.00 29.94 ? 85  LYS A CA 6 
ATOM 796 C CA . ILE A 1 86  ? 17.539  -8.124  16.499  1.00 21.30 ? 86  ILE A CA 6 
ATOM 797 C CA . ARG A 1 87  ? 18.157  -4.889  14.653  1.00 25.74 ? 87  ARG A CA 6 
ATOM 798 C CA . GLY A 1 88  ? 18.354  -1.185  15.530  1.00 23.64 ? 88  GLY A CA 6 
ATOM 799 C CA . SER A 1 89  ? 19.180  0.325   18.959  1.00 34.32 ? 89  SER A CA 6 
ATOM 800 C CA . THR A 1 90  ? 19.082  3.628   20.851  1.00 29.87 ? 90  THR A CA 6 
ATOM 801 C CA . PRO A 1 91  ? 18.978  6.525   20.104  1.00 33.13 ? 91  PRO A CA 6 
ATOM 802 C CA . TYR A 1 92  ? 15.774  6.244   18.043  1.00 29.55 ? 92  TYR A CA 6 
ATOM 803 C CA . ARG A 1 93  ? 15.589  9.109   15.534  1.00 21.94 ? 93  ARG A CA 6 
ATOM 804 C CA . HIS A 1 94  ? 13.340  10.040  12.633  1.00 28.69 ? 94  HIS A CA 6 
ATOM 805 C CA . GLY A 1 95  ? 13.395  7.336   9.976   1.00 20.48 ? 95  GLY A CA 6 
ATOM 806 C CA . ASP A 1 96  ? 15.258  4.805   12.183  1.00 19.73 ? 96  ASP A CA 6 
ATOM 807 C CA . SER A 1 97  ? 13.958  1.285   12.114  1.00 27.05 ? 97  SER A CA 6 
ATOM 808 C CA . VAL A 1 98  ? 13.811  -1.556  14.604  1.00 26.56 ? 98  VAL A CA 6 
ATOM 809 C CA . THR A 1 99  ? 13.293  -5.260  13.924  1.00 23.14 ? 99  THR A CA 6 
ATOM 810 C CA . PHE A 1 100 ? 12.036  -7.687  16.620  1.00 27.82 ? 100 PHE A CA 6 
ATOM 811 C CA . ALA A 1 101 ? 12.152  -11.496 17.099  1.00 34.14 ? 101 ALA A CA 6 
ATOM 812 C CA . CYS A 1 102 ? 10.233  -13.569 19.656  1.00 39.15 ? 102 CYS A CA 6 
ATOM 813 C CA . LYS A 1 103 ? 11.995  -15.501 22.417  1.00 40.35 ? 103 LYS A CA 6 
ATOM 814 C CA . THR A 1 104 ? 11.927  -19.323 22.410  1.00 48.55 ? 104 THR A CA 6 
ATOM 815 C CA . ASN A 1 105 ? 8.408   -20.754 22.930  1.00 48.36 ? 105 ASN A CA 6 
ATOM 816 C CA . PHE A 1 106 ? 6.937   -17.502 21.631  1.00 44.54 ? 106 PHE A CA 6 
ATOM 817 C CA . SER A 1 107 ? 5.441   -16.785 18.224  1.00 47.47 ? 107 SER A CA 6 
ATOM 818 C CA . MET A 1 108 ? 5.052   -13.383 16.607  1.00 50.16 ? 108 MET A CA 6 
ATOM 819 C CA . ASN A 1 109 ? 1.885   -11.550 15.651  1.00 56.25 ? 109 ASN A CA 6 
ATOM 820 C CA . GLY A 1 110 ? 2.006   -8.486  13.464  1.00 44.02 ? 110 GLY A CA 6 
ATOM 821 C CA . ASN A 1 111 ? 4.846   -6.866  11.554  1.00 47.08 ? 111 ASN A CA 6 
ATOM 822 C CA . LYS A 1 112 ? 8.333   -7.502  12.899  1.00 35.55 ? 112 LYS A CA 6 
ATOM 823 C CA . SER A 1 113 ? 9.781   -4.082  11.916  1.00 31.62 ? 113 SER A CA 6 
ATOM 824 C CA . VAL A 1 114 ? 8.787   -0.587  12.941  1.00 28.12 ? 114 VAL A CA 6 
ATOM 825 C CA . TRP A 1 115 ? 9.972   2.925   12.042  1.00 21.46 ? 115 TRP A CA 6 
ATOM 826 C CA . CYS A 1 116 ? 10.402  5.968   14.242  1.00 22.66 ? 116 CYS A CA 6 
ATOM 827 C CA . GLN A 1 117 ? 7.929   8.541   12.825  1.00 27.53 ? 117 GLN A CA 6 
ATOM 828 C CA . ALA A 1 118 ? 8.061   12.356  12.921  1.00 32.79 ? 118 ALA A CA 6 
ATOM 829 C CA . ASN A 1 119 ? 5.279   12.379  15.549  1.00 38.02 ? 119 ASN A CA 6 
ATOM 830 C CA . ASN A 1 120 ? 7.666   10.439  17.866  1.00 31.01 ? 120 ASN A CA 6 
ATOM 831 C CA . MET A 1 121 ? 5.733   7.221   17.607  1.00 30.69 ? 121 MET A CA 6 
ATOM 832 C CA . TRP A 1 122 ? 6.616   3.872   16.139  1.00 32.04 ? 122 TRP A CA 6 
ATOM 833 C CA . GLY A 1 123 ? 6.000   2.512   12.650  1.00 40.39 ? 123 GLY A CA 6 
ATOM 834 C CA . PRO A 1 124 ? 3.007   2.607   10.356  1.00 40.69 ? 124 PRO A CA 6 
ATOM 835 C CA . THR A 1 125 ? 1.754   -0.545  12.132  1.00 38.91 ? 125 THR A CA 6 
ATOM 836 C CA . ARG A 1 126 ? 1.474   -1.305  15.835  1.00 46.43 ? 126 ARG A CA 6 
ATOM 837 C CA . LEU A 1 127 ? 4.377   -3.070  17.603  1.00 35.68 ? 127 LEU A CA 6 
ATOM 838 C CA . PRO A 1 128 ? 4.340   -6.817  17.035  1.00 35.47 ? 128 PRO A CA 6 
ATOM 839 C CA . THR A 1 129 ? 3.345   -9.146  19.862  1.00 41.03 ? 129 THR A CA 6 
ATOM 840 C CA . CYS A 1 130 ? 4.865   -12.411 21.053  1.00 48.44 ? 130 CYS A CA 6 
ATOM 841 C CA . VAL A 1 131 ? 2.642   -15.185 22.450  1.00 58.11 ? 131 VAL A CA 6 
ATOM 842 C CA . SER A 1 132 ? 3.587   -18.668 23.786  1.00 63.04 ? 132 SER A CA 6 
ATOM 843 C CA . VAL A 1 133 ? 1.309   -20.241 20.893  1.00 0.00  ? 133 VAL A CA 6 
ATOM 844 C CA . PHE A 1 134 ? 3.943   -19.437 18.023  1.00 0.00  ? 134 PHE A CA 6 
ATOM 845 C CA . PRO A 1 135 ? 3.807   -21.671 14.659  1.00 0.00  ? 135 PRO A CA 6 
ATOM 846 C CA . LEU A 1 136 ? 7.517   -22.293 13.829  1.00 0.00  ? 136 LEU A CA 6 
ATOM 847 C CA . GLU A 1 137 ? 9.037   -22.604 17.402  1.00 0.00  ? 137 GLU A CA 6 
ATOM 848 C CA . GLN A 1 138 ? 12.426  -20.361 16.950  1.00 0.00  ? 138 GLN A CA 6 
ATOM 849 C CA . LYS A 1 139 ? 14.310  -21.219 13.762  1.00 0.00  ? 139 LYS A CA 6 
ATOM 850 C CA . LEU A 1 140 ? 16.768  -23.350 13.431  1.00 0.00  ? 140 LEU A CA 6 
ATOM 851 C CA . ILE A 1 141 ? 17.677  -24.296 16.992  1.00 0.00  ? 141 ILE A CA 6 
ATOM 852 C CA . SER A 1 142 ? 15.056  -25.633 19.585  1.00 0.00  ? 142 SER A CA 6 
# 
